data_7PUK
#
_entry.id   7PUK
#
_cell.length_a   222.030
_cell.length_b   54.550
_cell.length_c   83.920
_cell.angle_alpha   90.00
_cell.angle_beta   110.36
_cell.angle_gamma   90.00
#
_symmetry.space_group_name_H-M   'C 1 2 1'
#
loop_
_entity.id
_entity.type
_entity.pdbx_description
1 polymer Beta-N-acetylhexosaminidase
2 branched alpha-D-mannopyranose-(1-3)-[alpha-D-mannopyranose-(1-6)]alpha-D-mannopyranose-(1-6)-[alpha-D-mannopyranose-(1-3)]beta-D-mannopyranose-(1-4)-2-acetamido-2-deoxy-beta-D-glucopyranose
#
_entity_poly.entity_id   1
_entity_poly.type   'polypeptide(L)'
_entity_poly.pdbx_seq_one_letter_code
;GGSGNEPTQEKHFMVYYRAWRDKTMQGVNTTLPDENWLTMHDIPYGIDIVNVFSYVPKGQEALAQPFYDTLKNEYAPALH
ARGVRLVRGIDYSELLKVPYAGTTPTEAEFDAYAKELLTKFVDDLGIDGLDIDMETRPSEKDIVLSNGVIRALSKYIGPK
SGTDRPFLYDTNAEYLPPLQDVSDCFDFLAYQQYGSDDKRTQRALNNLSPVLNGERFVPGLTFPEEQDRNRWYDTKEPYM
ESNMYKVARYSYENNLGGMFLYALDRDGRTYNEDDLNQIKPSNLLWTKTAIAESKGVSLAEMKAAAQHYLKRISYANTDL
EAQNKAAETVTQATTLYDVNKAILGGDYGQGLSNTYDAELEKGLLAIDLTTLYRALDQAVAAIEKAESYTPETIQALQTT
KESVATELAGKTYTAAQVTTWQTEVQTALDNLKEK
;
_entity_poly.pdbx_strand_id   A,C
#
loop_
_chem_comp.id
_chem_comp.type
_chem_comp.name
_chem_comp.formula
BMA D-saccharide, beta linking beta-D-mannopyranose 'C6 H12 O6'
MAN D-saccharide, alpha linking alpha-D-mannopyranose 'C6 H12 O6'
NAG D-saccharide, beta linking 2-acetamido-2-deoxy-beta-D-glucopyranose 'C8 H15 N O6'
#
# COMPACT_ATOMS: atom_id res chain seq x y z
N GLU A 10 -0.11 14.11 23.98
CA GLU A 10 0.36 13.21 22.92
C GLU A 10 1.56 12.40 23.41
N LYS A 11 1.29 11.27 24.04
CA LYS A 11 2.34 10.42 24.58
C LYS A 11 2.75 9.35 23.57
N HIS A 12 4.03 8.99 23.61
CA HIS A 12 4.57 7.90 22.82
C HIS A 12 4.94 6.74 23.74
N PHE A 13 4.76 5.52 23.26
CA PHE A 13 5.36 4.35 23.88
C PHE A 13 6.01 3.52 22.80
N MET A 14 7.33 3.35 22.88
CA MET A 14 8.11 2.63 21.89
C MET A 14 8.61 1.32 22.48
N VAL A 15 8.98 0.39 21.60
CA VAL A 15 9.62 -0.85 21.98
C VAL A 15 10.68 -1.18 20.93
N TYR A 16 11.80 -1.73 21.39
CA TYR A 16 12.83 -2.23 20.49
C TYR A 16 12.57 -3.72 20.30
N TYR A 17 12.03 -4.07 19.14
CA TYR A 17 11.70 -5.45 18.82
C TYR A 17 12.95 -6.16 18.30
N ARG A 18 13.47 -7.09 19.09
CA ARG A 18 14.65 -7.86 18.70
C ARG A 18 14.25 -8.80 17.57
N ALA A 19 14.59 -8.43 16.33
CA ALA A 19 14.10 -9.17 15.18
C ALA A 19 14.48 -10.65 15.25
N TRP A 20 15.70 -10.95 15.69
CA TRP A 20 16.17 -12.32 15.68
C TRP A 20 15.48 -13.21 16.71
N ARG A 21 14.55 -12.66 17.50
CA ARG A 21 13.74 -13.45 18.40
C ARG A 21 12.32 -13.66 17.88
N ASP A 22 12.05 -13.26 16.64
CA ASP A 22 10.77 -13.54 16.01
C ASP A 22 10.74 -14.98 15.50
N LYS A 23 9.54 -15.56 15.50
CA LYS A 23 9.39 -16.95 15.05
C LYS A 23 10.04 -17.17 13.69
N THR A 24 10.00 -16.16 12.81
CA THR A 24 10.54 -16.30 11.46
C THR A 24 12.06 -16.43 11.42
N MET A 25 12.74 -16.25 12.55
CA MET A 25 14.18 -16.43 12.62
C MET A 25 14.52 -17.65 13.47
N GLN A 26 15.60 -18.32 13.09
CA GLN A 26 16.09 -19.48 13.83
C GLN A 26 17.58 -19.59 13.59
N GLY A 27 18.35 -19.57 14.68
CA GLY A 27 19.80 -19.61 14.57
C GLY A 27 20.45 -18.31 14.14
N VAL A 28 19.71 -17.20 14.17
CA VAL A 28 20.24 -15.90 13.80
C VAL A 28 20.64 -15.16 15.07
N ASN A 29 21.90 -14.74 15.13
CA ASN A 29 22.40 -13.91 16.22
C ASN A 29 22.27 -14.60 17.58
N THR A 30 22.38 -15.93 17.60
CA THR A 30 22.37 -16.67 18.85
C THR A 30 22.92 -18.06 18.59
N THR A 31 23.30 -18.74 19.68
CA THR A 31 23.69 -20.14 19.64
C THR A 31 22.69 -21.04 20.34
N LEU A 32 21.59 -20.49 20.85
CA LEU A 32 20.61 -21.27 21.60
C LEU A 32 19.65 -21.98 20.65
N PRO A 33 19.48 -23.30 20.76
CA PRO A 33 18.57 -24.00 19.84
C PRO A 33 17.10 -23.76 20.12
N ASP A 34 16.76 -22.92 21.09
CA ASP A 34 15.36 -22.70 21.44
C ASP A 34 14.61 -22.08 20.27
N GLU A 35 13.34 -22.44 20.15
CA GLU A 35 12.45 -21.85 19.15
C GLU A 35 11.85 -20.57 19.71
N ASN A 36 11.75 -19.55 18.85
CA ASN A 36 11.17 -18.28 19.27
C ASN A 36 9.67 -18.44 19.50
N TRP A 37 9.13 -17.56 20.35
CA TRP A 37 7.78 -17.73 20.86
C TRP A 37 6.79 -16.66 20.40
N LEU A 38 7.26 -15.54 19.86
CA LEU A 38 6.36 -14.44 19.51
C LEU A 38 6.63 -13.97 18.09
N THR A 39 5.60 -13.36 17.52
CA THR A 39 5.69 -12.60 16.28
C THR A 39 5.36 -11.15 16.58
N MET A 40 5.47 -10.30 15.56
CA MET A 40 5.15 -8.89 15.76
C MET A 40 3.66 -8.66 15.95
N HIS A 41 2.82 -9.61 15.54
CA HIS A 41 1.39 -9.50 15.84
C HIS A 41 1.15 -9.45 17.34
N ASP A 42 2.04 -10.05 18.13
CA ASP A 42 1.85 -10.13 19.58
C ASP A 42 2.25 -8.85 20.30
N ILE A 43 2.85 -7.88 19.61
CA ILE A 43 3.20 -6.62 20.27
C ILE A 43 1.94 -6.02 20.89
N PRO A 44 1.94 -5.65 22.17
CA PRO A 44 0.69 -5.17 22.79
C PRO A 44 0.19 -3.88 22.16
N TYR A 45 -1.11 -3.64 22.36
CA TYR A 45 -1.72 -2.39 21.94
C TYR A 45 -1.31 -1.26 22.88
N GLY A 46 -1.35 -0.04 22.35
CA GLY A 46 -0.87 1.13 23.05
C GLY A 46 0.55 1.52 22.67
N ILE A 47 1.25 0.68 21.94
CA ILE A 47 2.59 0.99 21.44
C ILE A 47 2.44 1.60 20.05
N ASP A 48 2.84 2.86 19.91
CA ASP A 48 2.65 3.59 18.66
C ASP A 48 3.90 3.63 17.80
N ILE A 49 5.06 3.24 18.34
CA ILE A 49 6.30 3.20 17.56
C ILE A 49 7.03 1.91 17.90
N VAL A 50 7.32 1.09 16.89
CA VAL A 50 8.08 -0.13 17.05
C VAL A 50 9.40 0.04 16.30
N ASN A 51 10.50 -0.23 16.99
CA ASN A 51 11.83 -0.17 16.38
C ASN A 51 12.23 -1.59 16.02
N VAL A 52 12.12 -1.93 14.73
CA VAL A 52 12.59 -3.21 14.25
C VAL A 52 14.11 -3.24 14.43
N PHE A 53 14.55 -3.76 15.57
CA PHE A 53 15.95 -3.74 15.96
C PHE A 53 16.56 -5.07 15.56
N SER A 54 17.41 -5.05 14.53
CA SER A 54 17.94 -6.27 13.93
C SER A 54 19.45 -6.16 13.81
N TYR A 55 20.14 -7.20 14.30
CA TYR A 55 21.57 -7.37 14.05
C TYR A 55 21.79 -8.78 13.51
N VAL A 56 22.43 -8.88 12.36
CA VAL A 56 22.66 -10.17 11.72
C VAL A 56 24.17 -10.41 11.63
N PRO A 57 24.72 -11.35 12.39
CA PRO A 57 26.16 -11.65 12.26
C PRO A 57 26.51 -12.02 10.83
N LYS A 58 27.68 -11.57 10.39
CA LYS A 58 28.13 -11.84 9.03
C LYS A 58 28.05 -13.33 8.73
N GLY A 59 27.34 -13.67 7.65
CA GLY A 59 27.16 -15.05 7.24
C GLY A 59 25.79 -15.61 7.51
N GLN A 60 24.88 -14.85 8.12
CA GLN A 60 23.55 -15.30 8.46
C GLN A 60 22.45 -14.51 7.75
N GLU A 61 22.80 -13.73 6.73
CA GLU A 61 21.82 -12.87 6.07
C GLU A 61 20.65 -13.68 5.52
N ALA A 62 20.94 -14.83 4.90
CA ALA A 62 19.89 -15.66 4.35
C ALA A 62 18.92 -16.14 5.44
N LEU A 63 19.44 -16.43 6.63
CA LEU A 63 18.59 -16.89 7.72
C LEU A 63 17.66 -15.79 8.21
N ALA A 64 18.08 -14.53 8.09
CA ALA A 64 17.24 -13.41 8.52
C ALA A 64 16.33 -12.89 7.41
N GLN A 65 16.57 -13.27 6.16
CA GLN A 65 15.73 -12.79 5.07
C GLN A 65 14.26 -13.16 5.25
N PRO A 66 13.89 -14.36 5.69
CA PRO A 66 12.46 -14.66 5.89
C PRO A 66 11.78 -13.65 6.81
N PHE A 67 12.45 -13.23 7.88
CA PHE A 67 11.84 -12.23 8.76
C PHE A 67 11.62 -10.91 8.04
N TYR A 68 12.60 -10.45 7.27
CA TYR A 68 12.42 -9.20 6.55
C TYR A 68 11.26 -9.29 5.56
N ASP A 69 11.13 -10.43 4.88
CA ASP A 69 10.01 -10.62 3.96
C ASP A 69 8.69 -10.57 4.70
N THR A 70 8.57 -11.34 5.79
CA THR A 70 7.35 -11.32 6.58
C THR A 70 7.05 -9.91 7.11
N LEU A 71 8.10 -9.17 7.47
CA LEU A 71 7.93 -7.83 7.99
C LEU A 71 7.33 -6.92 6.92
N LYS A 72 7.89 -6.95 5.72
CA LYS A 72 7.38 -6.08 4.66
C LYS A 72 5.97 -6.49 4.23
N ASN A 73 5.67 -7.79 4.25
CA ASN A 73 4.44 -8.29 3.65
C ASN A 73 3.36 -8.66 4.67
N GLU A 74 3.67 -8.68 5.96
CA GLU A 74 2.66 -9.07 6.95
C GLU A 74 2.71 -8.19 8.19
N TYR A 75 3.84 -8.21 8.91
CA TYR A 75 3.93 -7.47 10.16
C TYR A 75 3.70 -5.98 9.95
N ALA A 76 4.42 -5.38 9.00
CA ALA A 76 4.33 -3.92 8.83
C ALA A 76 2.94 -3.49 8.40
N PRO A 77 2.29 -4.12 7.42
CA PRO A 77 0.90 -3.73 7.12
C PRO A 77 -0.04 -3.90 8.30
N ALA A 78 0.04 -5.03 9.00
CA ALA A 78 -0.84 -5.27 10.14
C ALA A 78 -0.66 -4.22 11.23
N LEU A 79 0.60 -3.83 11.49
CA LEU A 79 0.85 -2.83 12.52
C LEU A 79 0.50 -1.43 12.05
N HIS A 80 0.59 -1.17 10.75
CA HIS A 80 0.10 0.09 10.21
C HIS A 80 -1.41 0.20 10.35
N ALA A 81 -2.12 -0.92 10.13
CA ALA A 81 -3.57 -0.91 10.31
C ALA A 81 -3.95 -0.60 11.75
N ARG A 82 -3.11 -0.95 12.71
CA ARG A 82 -3.34 -0.61 14.10
C ARG A 82 -2.86 0.79 14.46
N GLY A 83 -2.43 1.57 13.49
CA GLY A 83 -1.92 2.90 13.74
C GLY A 83 -0.51 2.96 14.25
N VAL A 84 0.24 1.87 14.16
CA VAL A 84 1.61 1.81 14.65
C VAL A 84 2.55 2.22 13.54
N ARG A 85 3.51 3.08 13.86
CA ARG A 85 4.59 3.43 12.95
C ARG A 85 5.84 2.65 13.32
N LEU A 86 6.59 2.21 12.31
CA LEU A 86 7.78 1.42 12.54
C LEU A 86 9.03 2.19 12.13
N VAL A 87 10.13 1.91 12.83
CA VAL A 87 11.42 2.53 12.56
C VAL A 87 12.49 1.45 12.56
N ARG A 88 13.54 1.67 11.79
CA ARG A 88 14.69 0.77 11.73
C ARG A 88 15.85 1.36 12.52
N GLY A 89 16.49 0.52 13.32
CA GLY A 89 17.63 0.96 14.09
C GLY A 89 18.94 0.74 13.34
N ILE A 90 19.66 1.82 13.07
CA ILE A 90 20.94 1.75 12.40
C ILE A 90 22.01 2.33 13.31
N ASP A 91 23.25 1.90 13.09
CA ASP A 91 24.37 2.43 13.83
C ASP A 91 24.67 3.87 13.38
N TYR A 92 25.15 4.68 14.33
CA TYR A 92 25.56 6.03 13.98
C TYR A 92 26.62 6.02 12.89
N SER A 93 27.55 5.06 12.96
CA SER A 93 28.64 4.98 11.99
C SER A 93 28.13 4.87 10.56
N GLU A 94 26.90 4.37 10.36
CA GLU A 94 26.32 4.34 9.02
C GLU A 94 26.36 5.72 8.38
N LEU A 95 25.94 6.74 9.15
CA LEU A 95 25.92 8.10 8.63
C LEU A 95 27.31 8.53 8.17
N LEU A 96 28.35 7.97 8.75
CA LEU A 96 29.72 8.35 8.41
C LEU A 96 30.19 7.77 7.09
N LYS A 97 29.47 6.80 6.53
CA LYS A 97 29.88 6.16 5.28
C LYS A 97 29.36 6.89 4.05
N VAL A 98 28.94 8.15 4.20
CA VAL A 98 28.48 8.96 3.07
C VAL A 98 29.56 9.00 2.01
N PRO A 99 29.27 8.61 0.76
CA PRO A 99 30.28 8.78 -0.30
C PRO A 99 30.39 10.23 -0.72
N TYR A 100 31.63 10.65 -1.01
CA TYR A 100 31.88 11.98 -1.53
C TYR A 100 33.20 11.96 -2.31
N ALA A 101 33.31 12.86 -3.28
CA ALA A 101 34.46 12.88 -4.17
C ALA A 101 35.58 13.76 -3.62
N GLY A 102 35.28 15.00 -3.27
CA GLY A 102 36.29 15.94 -2.80
C GLY A 102 36.73 15.68 -1.38
N THR A 103 37.03 16.78 -0.67
CA THR A 103 37.48 16.66 0.71
C THR A 103 36.31 16.54 1.68
N THR A 104 35.19 17.18 1.37
CA THR A 104 33.99 17.12 2.19
C THR A 104 32.79 16.90 1.30
N PRO A 105 31.75 16.23 1.80
CA PRO A 105 30.56 15.99 0.95
C PRO A 105 29.81 17.29 0.66
N THR A 106 29.28 17.37 -0.56
CA THR A 106 28.42 18.47 -0.95
C THR A 106 27.02 18.23 -0.39
N GLU A 107 26.12 19.20 -0.63
CA GLU A 107 24.73 19.02 -0.25
C GLU A 107 24.08 17.88 -1.04
N ALA A 108 24.39 17.82 -2.34
CA ALA A 108 23.79 16.78 -3.18
C ALA A 108 24.26 15.39 -2.76
N GLU A 109 25.51 15.25 -2.35
CA GLU A 109 26.00 13.95 -1.92
C GLU A 109 25.36 13.54 -0.60
N PHE A 110 25.17 14.49 0.32
CA PHE A 110 24.44 14.21 1.55
C PHE A 110 23.02 13.73 1.24
N ASP A 111 22.34 14.44 0.33
CA ASP A 111 20.98 14.03 -0.05
C ASP A 111 20.97 12.65 -0.68
N ALA A 112 21.95 12.37 -1.55
CA ALA A 112 22.03 11.07 -2.19
C ALA A 112 22.19 9.97 -1.16
N TYR A 113 23.08 10.16 -0.18
CA TYR A 113 23.28 9.13 0.82
C TYR A 113 22.08 9.01 1.75
N ALA A 114 21.37 10.10 2.01
CA ALA A 114 20.16 10.02 2.81
C ALA A 114 19.10 9.17 2.11
N LYS A 115 18.87 9.45 0.83
CA LYS A 115 17.93 8.62 0.06
C LYS A 115 18.39 7.18 0.00
N GLU A 116 19.71 6.97 -0.14
CA GLU A 116 20.25 5.62 -0.14
C GLU A 116 19.91 4.89 1.15
N LEU A 117 20.16 5.54 2.30
CA LEU A 117 19.83 4.95 3.59
C LEU A 117 18.35 4.64 3.69
N LEU A 118 17.49 5.56 3.25
CA LEU A 118 16.05 5.36 3.38
C LEU A 118 15.57 4.21 2.51
N THR A 119 16.16 4.04 1.32
CA THR A 119 15.78 2.91 0.48
C THR A 119 16.32 1.61 1.06
N LYS A 120 17.53 1.64 1.60
CA LYS A 120 18.19 0.42 2.06
C LYS A 120 17.54 -0.13 3.33
N PHE A 121 17.38 0.72 4.34
CA PHE A 121 16.99 0.27 5.66
C PHE A 121 15.50 0.45 5.96
N VAL A 122 14.78 1.21 5.15
CA VAL A 122 13.40 1.58 5.47
C VAL A 122 12.45 1.14 4.36
N ASP A 123 12.53 1.82 3.20
CA ASP A 123 11.55 1.60 2.15
C ASP A 123 11.57 0.17 1.64
N ASP A 124 12.72 -0.47 1.63
CA ASP A 124 12.80 -1.86 1.18
C ASP A 124 12.17 -2.83 2.17
N LEU A 125 11.73 -2.36 3.33
CA LEU A 125 11.06 -3.21 4.31
C LEU A 125 9.61 -2.79 4.57
N GLY A 126 9.12 -1.76 3.89
CA GLY A 126 7.79 -1.26 4.19
C GLY A 126 7.69 -0.50 5.48
N ILE A 127 8.82 -0.06 6.03
CA ILE A 127 8.85 0.62 7.33
C ILE A 127 8.81 2.13 7.11
N ASP A 128 8.43 2.85 8.16
CA ASP A 128 8.19 4.29 8.04
C ASP A 128 9.48 5.10 8.20
N GLY A 129 10.19 4.91 9.31
CA GLY A 129 11.28 5.80 9.66
C GLY A 129 12.60 5.17 10.05
N LEU A 130 13.43 5.93 10.76
CA LEU A 130 14.79 5.54 11.08
C LEU A 130 15.10 5.91 12.53
N ASP A 131 16.09 5.21 13.10
CA ASP A 131 16.53 5.43 14.47
C ASP A 131 18.05 5.34 14.50
N ILE A 132 18.70 6.43 14.91
CA ILE A 132 20.16 6.51 14.93
C ILE A 132 20.65 6.13 16.32
N ASP A 133 21.39 5.02 16.39
CA ASP A 133 21.92 4.51 17.67
C ASP A 133 23.33 5.08 17.85
N MET A 134 23.45 6.14 18.64
CA MET A 134 24.72 6.81 18.89
C MET A 134 25.13 6.57 20.35
N GLU A 135 26.03 5.61 20.55
CA GLU A 135 26.60 5.37 21.86
C GLU A 135 28.11 5.57 21.80
N THR A 136 28.53 6.67 21.18
CA THR A 136 29.93 6.95 20.90
C THR A 136 30.22 8.40 21.30
N ARG A 137 31.51 8.77 21.24
CA ARG A 137 31.95 10.15 21.38
C ARG A 137 32.66 10.52 20.07
N PRO A 138 31.91 10.76 18.99
CA PRO A 138 32.55 11.00 17.69
C PRO A 138 33.24 12.36 17.64
N SER A 139 34.25 12.44 16.78
CA SER A 139 35.05 13.64 16.63
C SER A 139 34.33 14.66 15.75
N GLU A 140 34.90 15.86 15.69
CA GLU A 140 34.31 16.91 14.86
C GLU A 140 34.23 16.48 13.41
N LYS A 141 35.25 15.78 12.91
CA LYS A 141 35.24 15.31 11.53
C LYS A 141 34.07 14.38 11.28
N ASP A 142 33.85 13.43 12.20
CA ASP A 142 32.71 12.53 12.06
C ASP A 142 31.41 13.30 12.15
N ILE A 143 31.36 14.35 12.98
CA ILE A 143 30.11 15.04 13.22
C ILE A 143 29.75 15.92 12.03
N VAL A 144 30.73 16.41 11.28
CA VAL A 144 30.41 17.12 10.04
C VAL A 144 29.58 16.21 9.13
N LEU A 145 30.08 15.00 8.89
CA LEU A 145 29.38 14.06 8.01
C LEU A 145 28.02 13.68 8.59
N SER A 146 27.98 13.38 9.90
CA SER A 146 26.71 12.96 10.50
C SER A 146 25.68 14.09 10.44
N ASN A 147 26.12 15.33 10.65
CA ASN A 147 25.20 16.46 10.56
C ASN A 147 24.66 16.60 9.15
N GLY A 148 25.55 16.52 8.15
CA GLY A 148 25.08 16.57 6.77
C GLY A 148 24.05 15.51 6.47
N VAL A 149 24.35 14.26 6.85
CA VAL A 149 23.45 13.15 6.55
C VAL A 149 22.12 13.30 7.27
N ILE A 150 22.16 13.72 8.54
CA ILE A 150 20.93 13.86 9.32
C ILE A 150 20.07 14.99 8.76
N ARG A 151 20.69 16.13 8.43
CA ARG A 151 19.94 17.22 7.84
C ARG A 151 19.33 16.81 6.51
N ALA A 152 20.06 16.02 5.71
CA ALA A 152 19.50 15.53 4.47
C ALA A 152 18.30 14.63 4.73
N LEU A 153 18.44 13.70 5.68
CA LEU A 153 17.33 12.81 6.01
C LEU A 153 16.10 13.60 6.47
N SER A 154 16.31 14.66 7.24
CA SER A 154 15.20 15.45 7.76
C SER A 154 14.30 15.99 6.66
N LYS A 155 14.73 15.96 5.40
CA LYS A 155 13.88 16.37 4.31
C LYS A 155 12.77 15.36 4.06
N TYR A 156 13.01 14.08 4.38
CA TYR A 156 12.08 13.01 4.07
C TYR A 156 11.44 12.38 5.30
N ILE A 157 12.08 12.46 6.47
CA ILE A 157 11.55 11.89 7.69
C ILE A 157 11.77 12.87 8.84
N GLY A 158 10.94 12.73 9.86
CA GLY A 158 11.06 13.57 11.04
C GLY A 158 10.18 14.79 10.97
N PRO A 159 10.25 15.64 12.01
CA PRO A 159 9.38 16.82 12.04
C PRO A 159 9.58 17.75 10.85
N LYS A 160 10.83 17.97 10.42
CA LYS A 160 11.13 18.91 9.35
C LYS A 160 10.83 18.36 7.96
N SER A 161 10.23 17.18 7.87
CA SER A 161 9.89 16.60 6.58
C SER A 161 8.42 16.78 6.20
N GLY A 162 7.56 17.11 7.15
CA GLY A 162 6.15 17.24 6.86
C GLY A 162 5.42 15.93 6.65
N THR A 163 5.97 14.83 7.17
CA THR A 163 5.37 13.52 7.03
C THR A 163 5.22 12.89 8.41
N ASP A 164 4.44 11.80 8.46
CA ASP A 164 4.25 11.06 9.70
C ASP A 164 5.45 10.17 10.04
N ARG A 165 6.46 10.11 9.18
CA ARG A 165 7.52 9.13 9.33
C ARG A 165 8.46 9.55 10.46
N PRO A 166 8.70 8.68 11.45
CA PRO A 166 9.55 9.10 12.58
C PRO A 166 11.01 9.19 12.18
N PHE A 167 11.74 10.03 12.91
CA PHE A 167 13.19 10.12 12.81
C PHE A 167 13.72 10.26 14.23
N LEU A 168 14.32 9.19 14.75
CA LEU A 168 14.66 9.11 16.17
C LEU A 168 16.17 9.06 16.36
N TYR A 169 16.59 9.50 17.55
CA TYR A 169 17.99 9.50 17.95
C TYR A 169 18.04 8.86 19.33
N ASP A 170 18.64 7.68 19.43
CA ASP A 170 18.72 6.95 20.69
C ASP A 170 20.16 6.95 21.18
N THR A 171 20.33 7.09 22.50
CA THR A 171 21.66 7.14 23.09
C THR A 171 21.57 6.77 24.55
N ASN A 172 22.72 6.44 25.13
CA ASN A 172 22.80 6.12 26.56
C ASN A 172 23.56 7.17 27.36
N ALA A 173 24.17 8.14 26.70
CA ALA A 173 24.87 9.25 27.37
C ALA A 173 24.27 10.57 26.89
N GLU A 174 24.95 11.66 27.20
CA GLU A 174 24.51 13.00 26.81
C GLU A 174 25.63 13.76 26.11
N TYR A 175 26.27 13.11 25.14
CA TYR A 175 27.30 13.77 24.34
C TYR A 175 26.59 14.66 23.31
N LEU A 176 26.73 15.97 23.50
CA LEU A 176 25.95 16.97 22.76
C LEU A 176 26.51 17.31 21.38
N PRO A 177 27.83 17.27 21.16
CA PRO A 177 28.39 17.73 19.88
C PRO A 177 27.69 17.10 18.69
N PRO A 178 27.50 15.78 18.66
CA PRO A 178 26.83 15.16 17.51
C PRO A 178 25.33 15.37 17.46
N LEU A 179 24.77 16.11 18.43
CA LEU A 179 23.33 16.29 18.54
C LEU A 179 22.90 17.75 18.57
N GLN A 180 23.78 18.67 18.98
CA GLN A 180 23.37 20.06 19.19
C GLN A 180 23.05 20.77 17.88
N ASP A 181 23.72 20.40 16.79
CA ASP A 181 23.51 21.09 15.52
C ASP A 181 22.33 20.54 14.72
N VAL A 182 21.79 19.38 15.09
CA VAL A 182 20.76 18.73 14.31
C VAL A 182 19.65 18.21 15.23
N SER A 183 19.56 18.77 16.43
CA SER A 183 18.61 18.26 17.41
C SER A 183 17.17 18.38 16.92
N ASP A 184 16.85 19.45 16.20
CA ASP A 184 15.48 19.70 15.78
C ASP A 184 15.05 18.83 14.61
N CYS A 185 15.89 17.92 14.13
CA CYS A 185 15.53 17.03 13.04
C CYS A 185 14.86 15.75 13.52
N PHE A 186 14.86 15.48 14.82
CA PHE A 186 14.32 14.25 15.37
C PHE A 186 12.99 14.50 16.06
N ASP A 187 12.09 13.52 15.97
CA ASP A 187 10.82 13.60 16.68
C ASP A 187 11.05 13.57 18.20
N PHE A 188 12.00 12.77 18.66
CA PHE A 188 12.35 12.73 20.07
C PHE A 188 13.64 11.93 20.22
N LEU A 189 14.24 12.04 21.41
CA LEU A 189 15.46 11.31 21.74
C LEU A 189 15.10 10.17 22.68
N ALA A 190 15.55 8.95 22.34
CA ALA A 190 15.31 7.77 23.14
C ALA A 190 16.52 7.56 24.05
N TYR A 191 16.35 7.81 25.35
CA TYR A 191 17.43 7.72 26.30
C TYR A 191 17.41 6.37 26.99
N GLN A 192 18.46 5.60 26.79
CA GLN A 192 18.62 4.30 27.43
C GLN A 192 19.21 4.50 28.82
N GLN A 193 18.48 4.06 29.84
CA GLN A 193 18.93 4.12 31.23
C GLN A 193 18.67 2.81 31.92
N TYR A 194 19.11 1.71 31.29
CA TYR A 194 18.86 0.39 31.82
C TYR A 194 19.45 0.26 33.21
N GLY A 195 18.66 -0.24 34.15
CA GLY A 195 19.10 -0.44 35.51
C GLY A 195 19.14 0.81 36.35
N SER A 196 18.44 1.88 35.93
CA SER A 196 18.45 3.14 36.65
C SER A 196 17.02 3.65 36.77
N ASP A 197 16.79 4.48 37.80
CA ASP A 197 15.46 4.98 38.11
C ASP A 197 15.31 6.41 37.59
N ASP A 198 14.33 7.14 38.13
CA ASP A 198 14.01 8.48 37.63
C ASP A 198 15.08 9.51 37.97
N LYS A 199 15.97 9.20 38.92
CA LYS A 199 17.05 10.13 39.23
C LYS A 199 17.96 10.33 38.01
N ARG A 200 18.44 9.23 37.42
CA ARG A 200 19.19 9.34 36.19
C ARG A 200 18.36 9.96 35.07
N THR A 201 17.05 9.71 35.08
CA THR A 201 16.18 10.31 34.08
C THR A 201 16.30 11.83 34.12
N GLN A 202 16.08 12.43 35.29
CA GLN A 202 16.13 13.89 35.36
C GLN A 202 17.56 14.41 35.23
N ARG A 203 18.56 13.64 35.68
CA ARG A 203 19.94 14.03 35.44
C ARG A 203 20.20 14.21 33.95
N ALA A 204 19.83 13.20 33.16
CA ALA A 204 20.05 13.27 31.71
C ALA A 204 19.20 14.37 31.07
N LEU A 205 17.95 14.51 31.52
CA LEU A 205 17.10 15.59 31.02
C LEU A 205 17.78 16.94 31.20
N ASN A 206 18.34 17.18 32.38
CA ASN A 206 19.03 18.44 32.64
C ASN A 206 20.29 18.57 31.78
N ASN A 207 21.06 17.48 31.66
CA ASN A 207 22.27 17.54 30.84
C ASN A 207 21.94 17.73 29.36
N LEU A 208 20.79 17.25 28.91
CA LEU A 208 20.35 17.43 27.54
C LEU A 208 19.49 18.68 27.35
N SER A 209 19.29 19.47 28.40
CA SER A 209 18.38 20.61 28.30
C SER A 209 18.78 21.59 27.21
N PRO A 210 20.05 21.93 26.98
CA PRO A 210 20.38 22.91 25.95
C PRO A 210 19.98 22.47 24.54
N VAL A 211 19.79 21.17 24.32
CA VAL A 211 19.58 20.64 22.98
C VAL A 211 18.31 19.83 22.85
N LEU A 212 17.48 19.76 23.89
CA LEU A 212 16.28 18.94 23.81
C LEU A 212 15.33 19.34 24.93
N ASN A 213 14.05 19.48 24.58
CA ASN A 213 13.02 19.75 25.56
C ASN A 213 12.48 18.44 26.13
N GLY A 214 12.08 18.48 27.39
CA GLY A 214 11.64 17.27 28.07
C GLY A 214 10.51 16.56 27.35
N GLU A 215 9.64 17.32 26.67
CA GLU A 215 8.52 16.71 25.97
C GLU A 215 8.96 15.83 24.80
N ARG A 216 10.19 15.99 24.31
CA ARG A 216 10.74 15.16 23.26
C ARG A 216 11.84 14.23 23.80
N PHE A 217 11.72 13.83 25.06
CA PHE A 217 12.69 12.97 25.73
C PHE A 217 11.97 11.73 26.21
N VAL A 218 12.28 10.58 25.60
CA VAL A 218 11.63 9.32 25.92
C VAL A 218 12.63 8.44 26.65
N PRO A 219 12.54 8.31 27.97
CA PRO A 219 13.41 7.36 28.68
C PRO A 219 12.93 5.93 28.47
N GLY A 220 13.87 5.00 28.54
CA GLY A 220 13.53 3.60 28.33
C GLY A 220 14.36 2.68 29.18
N LEU A 221 13.75 1.56 29.52
CA LEU A 221 14.37 0.51 30.32
C LEU A 221 14.41 -0.78 29.51
N THR A 222 14.97 -1.83 30.11
CA THR A 222 15.16 -3.10 29.42
C THR A 222 14.65 -4.24 30.27
N PHE A 223 14.49 -5.39 29.63
CA PHE A 223 14.27 -6.64 30.32
C PHE A 223 15.51 -7.50 30.22
N PRO A 224 15.75 -8.42 31.17
CA PRO A 224 16.97 -9.22 31.14
C PRO A 224 17.09 -10.00 29.84
N GLU A 225 18.20 -9.79 29.13
CA GLU A 225 18.49 -10.53 27.92
C GLU A 225 19.23 -11.82 28.26
N GLU A 226 18.88 -12.90 27.57
CA GLU A 226 19.49 -14.19 27.84
C GLU A 226 20.96 -14.17 27.44
N GLN A 227 21.79 -14.80 28.27
CA GLN A 227 23.23 -14.90 28.04
C GLN A 227 23.93 -13.55 28.11
N ASP A 228 23.34 -12.58 28.79
CA ASP A 228 23.89 -11.23 28.86
C ASP A 228 24.92 -11.16 29.98
N ARG A 229 26.05 -10.50 29.69
CA ARG A 229 27.05 -10.24 30.73
C ARG A 229 26.59 -9.14 31.66
N ASN A 230 25.87 -8.15 31.15
CA ASN A 230 25.40 -7.03 31.95
C ASN A 230 24.26 -7.48 32.87
N ARG A 231 23.92 -6.62 33.83
CA ARG A 231 22.87 -6.90 34.81
C ARG A 231 22.08 -5.62 35.04
N TRP A 232 21.01 -5.45 34.27
CA TRP A 232 20.06 -4.36 34.44
C TRP A 232 18.78 -4.90 35.06
N TYR A 233 18.47 -4.46 36.27
CA TYR A 233 17.27 -4.90 36.99
C TYR A 233 16.27 -3.74 36.95
N ASP A 234 15.40 -3.76 35.95
CA ASP A 234 14.34 -2.77 35.81
C ASP A 234 12.98 -3.30 36.21
N THR A 235 12.91 -4.55 36.69
CA THR A 235 11.66 -5.13 37.16
C THR A 235 11.91 -5.78 38.52
N LYS A 236 10.91 -5.69 39.39
CA LYS A 236 11.00 -6.26 40.73
C LYS A 236 9.69 -5.97 41.45
N GLU A 237 9.41 -6.78 42.47
CA GLU A 237 8.27 -6.54 43.33
C GLU A 237 8.75 -6.20 44.74
N PRO A 238 8.12 -5.25 45.44
CA PRO A 238 6.91 -4.46 45.13
C PRO A 238 7.02 -3.64 43.85
N TYR A 239 5.94 -3.64 43.07
CA TYR A 239 5.95 -2.96 41.77
C TYR A 239 6.37 -1.51 41.91
N MET A 240 5.85 -0.80 42.91
CA MET A 240 6.14 0.62 43.03
C MET A 240 7.57 0.90 43.46
N GLU A 241 8.39 -0.13 43.66
CA GLU A 241 9.81 0.05 43.92
C GLU A 241 10.67 -0.30 42.70
N SER A 242 10.06 -0.79 41.62
CA SER A 242 10.80 -1.13 40.42
C SER A 242 11.10 0.11 39.59
N ASN A 243 12.24 0.09 38.91
CA ASN A 243 12.59 1.20 38.03
C ASN A 243 11.52 1.46 36.98
N MET A 244 10.80 0.41 36.57
CA MET A 244 9.79 0.59 35.54
C MET A 244 8.69 1.52 36.02
N TYR A 245 8.16 1.27 37.22
CA TYR A 245 7.14 2.15 37.78
C TYR A 245 7.67 3.56 37.97
N LYS A 246 8.86 3.68 38.55
CA LYS A 246 9.42 5.01 38.82
C LYS A 246 9.55 5.80 37.52
N VAL A 247 10.12 5.19 36.49
CA VAL A 247 10.36 5.91 35.24
C VAL A 247 9.05 6.21 34.54
N ALA A 248 8.10 5.27 34.53
CA ALA A 248 6.81 5.53 33.88
C ALA A 248 6.07 6.66 34.57
N ARG A 249 6.01 6.63 35.90
CA ARG A 249 5.29 7.66 36.63
C ARG A 249 6.00 9.01 36.54
N TYR A 250 7.33 9.02 36.49
CA TYR A 250 8.05 10.27 36.28
C TYR A 250 7.80 10.83 34.89
N SER A 251 7.76 9.96 33.88
CA SER A 251 7.50 10.39 32.52
C SER A 251 6.10 10.99 32.40
N TYR A 252 5.12 10.37 33.06
CA TYR A 252 3.77 10.91 33.02
C TYR A 252 3.68 12.22 33.79
N GLU A 253 4.30 12.27 34.98
CA GLU A 253 4.16 13.44 35.84
C GLU A 253 4.83 14.66 35.24
N ASN A 254 6.01 14.49 34.62
CA ASN A 254 6.77 15.61 34.09
C ASN A 254 6.58 15.80 32.59
N ASN A 255 5.49 15.26 32.03
CA ASN A 255 5.11 15.52 30.64
C ASN A 255 6.25 15.21 29.68
N LEU A 256 6.94 14.09 29.91
CA LEU A 256 7.97 13.64 28.99
C LEU A 256 7.33 13.11 27.71
N GLY A 257 8.18 12.88 26.70
CA GLY A 257 7.70 12.34 25.44
C GLY A 257 7.07 10.97 25.55
N GLY A 258 7.30 10.28 26.66
CA GLY A 258 6.74 8.95 26.84
C GLY A 258 7.74 8.00 27.46
N MET A 259 7.78 6.77 26.95
CA MET A 259 8.65 5.75 27.51
C MET A 259 8.87 4.67 26.45
N PHE A 260 10.02 4.01 26.52
CA PHE A 260 10.27 2.88 25.64
C PHE A 260 10.86 1.72 26.44
N LEU A 261 10.78 0.53 25.86
CA LEU A 261 11.30 -0.68 26.48
C LEU A 261 12.13 -1.44 25.46
N TYR A 262 13.20 -2.07 25.93
CA TYR A 262 14.06 -2.87 25.08
C TYR A 262 13.86 -4.34 25.39
N ALA A 263 13.91 -5.17 24.34
CA ALA A 263 13.74 -6.62 24.46
C ALA A 263 12.35 -6.95 25.02
N LEU A 264 11.35 -6.63 24.20
CA LEU A 264 9.96 -6.92 24.57
C LEU A 264 9.76 -8.41 24.84
N ASP A 265 10.40 -9.26 24.03
CA ASP A 265 10.25 -10.70 24.18
C ASP A 265 10.67 -11.20 25.55
N ARG A 266 11.50 -10.44 26.27
CA ARG A 266 12.04 -10.88 27.56
C ARG A 266 11.26 -10.35 28.74
N ASP A 267 10.04 -9.85 28.51
CA ASP A 267 9.21 -9.35 29.60
C ASP A 267 9.02 -10.41 30.65
N GLY A 268 9.36 -10.09 31.90
CA GLY A 268 9.20 -11.00 33.02
C GLY A 268 10.33 -11.98 33.20
N ARG A 269 11.38 -11.91 32.39
CA ARG A 269 12.52 -12.79 32.52
C ARG A 269 13.47 -12.27 33.61
N THR A 270 14.39 -13.13 34.02
CA THR A 270 15.38 -12.81 35.03
C THR A 270 16.76 -13.23 34.51
N TYR A 271 17.78 -12.97 35.33
CA TYR A 271 19.13 -13.44 35.04
C TYR A 271 19.44 -14.76 35.73
N ASN A 272 18.44 -15.39 36.35
CA ASN A 272 18.65 -16.70 36.96
C ASN A 272 19.08 -17.70 35.89
N GLU A 273 19.70 -18.79 36.34
CA GLU A 273 20.29 -19.74 35.41
C GLU A 273 19.24 -20.36 34.50
N ASP A 274 17.98 -20.43 34.95
CA ASP A 274 16.94 -20.99 34.10
C ASP A 274 16.54 -20.01 33.00
N ASP A 275 16.41 -18.73 33.32
CA ASP A 275 16.08 -17.73 32.32
C ASP A 275 17.28 -17.30 31.50
N LEU A 276 18.49 -17.40 32.07
CA LEU A 276 19.67 -16.82 31.42
C LEU A 276 20.01 -17.56 30.13
N ASN A 277 19.66 -18.83 30.02
CA ASN A 277 20.04 -19.65 28.87
C ASN A 277 18.83 -20.29 28.21
N GLN A 278 17.65 -19.68 28.36
CA GLN A 278 16.41 -20.21 27.82
C GLN A 278 15.63 -19.13 27.10
N ILE A 279 14.82 -19.55 26.14
CA ILE A 279 13.81 -18.72 25.50
C ILE A 279 12.46 -19.23 25.96
N LYS A 280 11.68 -18.36 26.58
CA LYS A 280 10.40 -18.73 27.17
C LYS A 280 9.34 -17.72 26.76
N PRO A 281 8.08 -18.14 26.70
CA PRO A 281 7.01 -17.18 26.41
C PRO A 281 6.83 -16.20 27.57
N SER A 282 6.07 -15.15 27.30
CA SER A 282 5.86 -14.09 28.27
C SER A 282 4.45 -13.55 28.13
N ASN A 283 3.79 -13.31 29.26
CA ASN A 283 2.49 -12.65 29.27
C ASN A 283 2.61 -11.15 29.03
N LEU A 284 3.84 -10.62 28.91
CA LEU A 284 4.06 -9.21 28.63
C LEU A 284 3.45 -8.30 29.70
N LEU A 285 3.32 -8.84 30.92
CA LEU A 285 2.71 -8.08 32.01
C LEU A 285 3.37 -6.72 32.20
N TRP A 286 4.70 -6.71 32.30
CA TRP A 286 5.41 -5.46 32.60
C TRP A 286 5.22 -4.45 31.48
N THR A 287 5.21 -4.90 30.22
CA THR A 287 5.08 -3.96 29.11
C THR A 287 3.72 -3.26 29.15
N LYS A 288 2.63 -4.01 29.32
CA LYS A 288 1.32 -3.40 29.36
C LYS A 288 1.16 -2.51 30.58
N THR A 289 1.65 -2.97 31.74
CA THR A 289 1.62 -2.12 32.93
C THR A 289 2.37 -0.82 32.69
N ALA A 290 3.51 -0.87 32.01
CA ALA A 290 4.30 0.33 31.77
C ALA A 290 3.58 1.25 30.80
N ILE A 291 2.94 0.69 29.77
CA ILE A 291 2.15 1.50 28.86
C ILE A 291 1.09 2.27 29.64
N ALA A 292 0.36 1.57 30.51
CA ALA A 292 -0.69 2.21 31.27
C ALA A 292 -0.13 3.26 32.23
N GLU A 293 0.97 2.94 32.93
CA GLU A 293 1.52 3.86 33.91
C GLU A 293 2.09 5.11 33.24
N SER A 294 2.71 4.96 32.08
CA SER A 294 3.22 6.10 31.34
C SER A 294 2.09 6.96 30.79
N LYS A 295 1.02 6.33 30.30
CA LYS A 295 -0.10 7.08 29.77
C LYS A 295 -0.92 7.76 30.86
N GLY A 296 -0.72 7.39 32.13
CA GLY A 296 -1.50 7.97 33.19
C GLY A 296 -2.90 7.39 33.31
N VAL A 297 -3.05 6.09 33.03
CA VAL A 297 -4.36 5.46 33.11
C VAL A 297 -4.80 5.43 34.56
N SER A 298 -6.06 5.82 34.79
CA SER A 298 -6.61 5.78 36.13
C SER A 298 -6.90 4.33 36.54
N LEU A 299 -6.88 4.08 37.85
CA LEU A 299 -7.13 2.74 38.33
C LEU A 299 -8.55 2.28 38.02
N ALA A 300 -9.51 3.20 37.99
CA ALA A 300 -10.88 2.86 37.63
C ALA A 300 -10.94 2.37 36.18
N GLU A 301 -10.27 3.08 35.28
CA GLU A 301 -10.19 2.66 33.88
C GLU A 301 -9.63 1.25 33.77
N MET A 302 -8.49 1.02 34.42
CA MET A 302 -7.82 -0.28 34.35
C MET A 302 -8.73 -1.39 34.87
N LYS A 303 -9.38 -1.14 36.01
CA LYS A 303 -10.27 -2.14 36.59
C LYS A 303 -11.46 -2.40 35.69
N ALA A 304 -12.00 -1.36 35.06
CA ALA A 304 -13.12 -1.55 34.15
C ALA A 304 -12.74 -2.44 32.98
N ALA A 305 -11.57 -2.19 32.38
CA ALA A 305 -11.13 -3.02 31.27
C ALA A 305 -10.90 -4.46 31.73
N ALA A 306 -10.25 -4.63 32.89
CA ALA A 306 -10.00 -5.98 33.40
C ALA A 306 -11.29 -6.73 33.64
N GLN A 307 -12.30 -6.07 34.21
CA GLN A 307 -13.57 -6.73 34.48
C GLN A 307 -14.31 -7.07 33.20
N HIS A 308 -14.27 -6.16 32.21
CA HIS A 308 -14.85 -6.47 30.91
C HIS A 308 -14.22 -7.74 30.34
N TYR A 309 -12.89 -7.84 30.37
CA TYR A 309 -12.23 -9.01 29.84
C TYR A 309 -12.63 -10.27 30.61
N LEU A 310 -12.61 -10.19 31.94
CA LEU A 310 -12.96 -11.36 32.74
C LEU A 310 -14.40 -11.79 32.50
N LYS A 311 -15.28 -10.84 32.18
CA LYS A 311 -16.67 -11.19 31.90
C LYS A 311 -16.81 -11.86 30.54
N ARG A 312 -16.05 -11.41 29.55
CA ARG A 312 -16.23 -11.99 28.21
C ARG A 312 -15.49 -13.31 28.04
N ILE A 313 -14.65 -13.73 28.99
CA ILE A 313 -14.01 -15.04 28.92
C ILE A 313 -14.63 -16.04 29.88
N SER A 314 -15.55 -15.60 30.75
CA SER A 314 -16.11 -16.49 31.77
C SER A 314 -16.94 -17.61 31.14
N TYR A 315 -17.50 -17.40 29.95
CA TYR A 315 -18.35 -18.42 29.36
C TYR A 315 -17.53 -19.57 28.79
N ALA A 316 -16.28 -19.32 28.39
CA ALA A 316 -15.42 -20.35 27.85
C ALA A 316 -14.47 -20.93 28.89
N ASN A 317 -14.17 -20.20 29.96
CA ASN A 317 -13.25 -20.68 30.98
C ASN A 317 -14.01 -21.54 31.98
N THR A 318 -13.50 -22.75 32.23
CA THR A 318 -14.15 -23.69 33.14
C THR A 318 -13.67 -23.56 34.58
N ASP A 319 -12.66 -22.73 34.84
CA ASP A 319 -12.12 -22.55 36.19
C ASP A 319 -12.87 -21.39 36.84
N LEU A 320 -14.00 -21.70 37.48
CA LEU A 320 -14.79 -20.65 38.11
C LEU A 320 -14.09 -20.10 39.34
N GLU A 321 -13.31 -20.93 40.05
CA GLU A 321 -12.58 -20.46 41.21
C GLU A 321 -11.53 -19.42 40.82
N ALA A 322 -10.80 -19.69 39.74
CA ALA A 322 -9.82 -18.72 39.25
C ALA A 322 -10.50 -17.46 38.76
N GLN A 323 -11.68 -17.61 38.14
CA GLN A 323 -12.46 -16.43 37.74
C GLN A 323 -12.78 -15.56 38.95
N ASN A 324 -13.30 -16.18 40.02
CA ASN A 324 -13.64 -15.43 41.22
C ASN A 324 -12.41 -14.75 41.80
N LYS A 325 -11.30 -15.48 41.89
CA LYS A 325 -10.09 -14.91 42.47
C LYS A 325 -9.59 -13.72 41.65
N ALA A 326 -9.59 -13.85 40.33
CA ALA A 326 -9.14 -12.77 39.46
C ALA A 326 -10.04 -11.55 39.60
N ALA A 327 -11.36 -11.77 39.57
CA ALA A 327 -12.27 -10.64 39.70
C ALA A 327 -12.09 -9.93 41.04
N GLU A 328 -11.97 -10.70 42.13
CA GLU A 328 -11.80 -10.10 43.45
C GLU A 328 -10.49 -9.33 43.53
N THR A 329 -9.40 -9.91 43.01
CA THR A 329 -8.12 -9.22 43.02
C THR A 329 -8.19 -7.93 42.22
N VAL A 330 -8.89 -7.95 41.08
CA VAL A 330 -9.05 -6.73 40.29
C VAL A 330 -9.79 -5.68 41.10
N THR A 331 -10.86 -6.08 41.80
CA THR A 331 -11.59 -5.13 42.62
C THR A 331 -10.71 -4.59 43.75
N GLN A 332 -9.88 -5.45 44.34
CA GLN A 332 -9.04 -5.08 45.47
C GLN A 332 -7.67 -4.57 45.04
N ALA A 333 -7.46 -4.33 43.75
CA ALA A 333 -6.15 -3.89 43.27
C ALA A 333 -5.93 -2.43 43.59
N THR A 334 -4.70 -2.10 43.98
CA THR A 334 -4.31 -0.73 44.30
C THR A 334 -3.42 -0.10 43.24
N THR A 335 -2.78 -0.90 42.39
CA THR A 335 -1.90 -0.41 41.35
C THR A 335 -2.32 -1.01 40.02
N LEU A 336 -1.87 -0.37 38.93
CA LEU A 336 -2.14 -0.92 37.60
C LEU A 336 -1.47 -2.28 37.44
N TYR A 337 -0.26 -2.43 37.99
CA TYR A 337 0.44 -3.70 37.94
C TYR A 337 -0.42 -4.82 38.55
N ASP A 338 -1.09 -4.54 39.67
CA ASP A 338 -1.93 -5.55 40.29
C ASP A 338 -3.13 -5.90 39.41
N VAL A 339 -3.74 -4.91 38.78
CA VAL A 339 -4.88 -5.17 37.91
C VAL A 339 -4.47 -6.05 36.73
N ASN A 340 -3.29 -5.79 36.16
CA ASN A 340 -2.83 -6.61 35.05
C ASN A 340 -2.43 -8.00 35.52
N LYS A 341 -1.81 -8.10 36.69
CA LYS A 341 -1.35 -9.39 37.19
C LYS A 341 -2.51 -10.28 37.61
N ALA A 342 -3.63 -9.70 38.05
CA ALA A 342 -4.79 -10.49 38.41
C ALA A 342 -5.24 -11.39 37.27
N ILE A 343 -5.11 -10.92 36.04
CA ILE A 343 -5.52 -11.68 34.86
C ILE A 343 -4.34 -12.42 34.24
N LEU A 344 -3.19 -11.75 34.12
CA LEU A 344 -2.05 -12.31 33.41
C LEU A 344 -1.22 -13.24 34.28
N GLY A 345 -1.28 -13.09 35.61
CA GLY A 345 -0.42 -13.83 36.50
C GLY A 345 0.99 -13.27 36.51
N GLY A 346 1.77 -13.76 37.47
CA GLY A 346 3.15 -13.31 37.58
C GLY A 346 3.96 -13.63 36.33
N ASP A 347 3.82 -14.85 35.81
CA ASP A 347 4.56 -15.31 34.65
C ASP A 347 3.60 -15.94 33.66
N TYR A 348 4.11 -16.19 32.45
CA TYR A 348 3.33 -16.85 31.42
C TYR A 348 2.75 -18.15 31.93
N GLY A 349 1.46 -18.36 31.66
CA GLY A 349 0.77 -19.57 32.08
C GLY A 349 0.26 -19.55 33.51
N GLN A 350 0.87 -18.78 34.40
CA GLN A 350 0.44 -18.72 35.79
C GLN A 350 -0.84 -17.93 36.00
N GLY A 351 -1.40 -17.33 34.94
CA GLY A 351 -2.58 -16.51 35.05
C GLY A 351 -3.78 -17.15 34.38
N LEU A 352 -4.94 -16.51 34.59
CA LEU A 352 -6.16 -16.93 33.92
C LEU A 352 -6.09 -16.69 32.42
N SER A 353 -5.22 -15.78 31.98
CA SER A 353 -5.03 -15.50 30.56
C SER A 353 -3.58 -15.08 30.34
N ASN A 354 -3.06 -15.37 29.16
CA ASN A 354 -1.69 -15.01 28.80
C ASN A 354 -1.63 -13.87 27.80
N THR A 355 -2.78 -13.34 27.35
CA THR A 355 -2.82 -12.39 26.25
C THR A 355 -3.72 -11.19 26.51
N TYR A 356 -4.25 -11.04 27.71
CA TYR A 356 -5.09 -9.89 28.01
C TYR A 356 -4.32 -8.60 27.75
N ASP A 357 -4.93 -7.70 26.97
CA ASP A 357 -4.32 -6.43 26.60
C ASP A 357 -5.27 -5.31 26.98
N ALA A 358 -4.87 -4.48 27.95
CA ALA A 358 -5.75 -3.44 28.45
C ALA A 358 -6.17 -2.48 27.34
N GLU A 359 -5.26 -2.12 26.44
CA GLU A 359 -5.60 -1.17 25.39
C GLU A 359 -6.52 -1.79 24.35
N LEU A 360 -6.24 -3.03 23.94
CA LEU A 360 -7.14 -3.73 23.04
C LEU A 360 -8.53 -3.88 23.65
N GLU A 361 -8.60 -4.24 24.93
CA GLU A 361 -9.88 -4.36 25.61
C GLU A 361 -10.59 -3.01 25.67
N LYS A 362 -9.84 -1.94 25.90
CA LYS A 362 -10.42 -0.59 25.85
C LYS A 362 -11.07 -0.35 24.50
N GLY A 363 -10.35 -0.67 23.43
CA GLY A 363 -10.94 -0.54 22.10
C GLY A 363 -12.21 -1.35 21.96
N LEU A 364 -12.24 -2.56 22.54
CA LEU A 364 -13.42 -3.42 22.45
C LEU A 364 -14.59 -2.89 23.27
N LEU A 365 -14.33 -2.08 24.31
CA LEU A 365 -15.38 -1.63 25.22
C LEU A 365 -16.61 -1.10 24.49
N ALA A 366 -16.43 -0.51 23.31
CA ALA A 366 -17.54 0.17 22.64
C ALA A 366 -18.63 -0.79 22.18
N ILE A 367 -18.33 -2.08 22.07
CA ILE A 367 -19.27 -3.06 21.53
C ILE A 367 -20.14 -3.59 22.66
N ASP A 368 -21.46 -3.52 22.47
CA ASP A 368 -22.40 -3.97 23.48
C ASP A 368 -22.56 -5.49 23.43
N LEU A 369 -22.44 -6.13 24.59
CA LEU A 369 -22.55 -7.58 24.71
C LEU A 369 -23.70 -8.01 25.60
N THR A 370 -24.57 -7.09 26.02
CA THR A 370 -25.62 -7.43 26.97
C THR A 370 -26.59 -8.43 26.37
N THR A 371 -27.02 -8.21 25.11
CA THR A 371 -27.88 -9.17 24.45
C THR A 371 -27.21 -10.52 24.36
N LEU A 372 -25.97 -10.55 23.87
CA LEU A 372 -25.22 -11.80 23.78
C LEU A 372 -25.07 -12.43 25.16
N TYR A 373 -24.84 -11.61 26.19
CA TYR A 373 -24.64 -12.14 27.53
C TYR A 373 -25.90 -12.80 28.06
N ARG A 374 -27.06 -12.16 27.88
CA ARG A 374 -28.29 -12.79 28.36
C ARG A 374 -28.61 -14.05 27.56
N ALA A 375 -28.36 -14.02 26.24
CA ALA A 375 -28.56 -15.23 25.44
C ALA A 375 -27.68 -16.36 25.94
N LEU A 376 -26.40 -16.07 26.22
CA LEU A 376 -25.49 -17.09 26.69
C LEU A 376 -25.85 -17.57 28.09
N ASP A 377 -26.37 -16.68 28.94
CA ASP A 377 -26.79 -17.11 30.27
C ASP A 377 -28.00 -18.02 30.21
N GLN A 378 -28.95 -17.73 29.32
CA GLN A 378 -30.07 -18.62 29.11
C GLN A 378 -29.61 -19.96 28.53
N ALA A 379 -28.62 -19.93 27.65
CA ALA A 379 -28.06 -21.18 27.13
C ALA A 379 -27.40 -21.99 28.23
N VAL A 380 -26.69 -21.33 29.14
CA VAL A 380 -26.06 -22.03 30.27
C VAL A 380 -27.13 -22.59 31.19
N ALA A 381 -28.21 -21.86 31.40
CA ALA A 381 -29.30 -22.37 32.22
C ALA A 381 -29.94 -23.60 31.58
N ALA A 382 -30.09 -23.59 30.25
CA ALA A 382 -30.62 -24.75 29.55
C ALA A 382 -29.68 -25.94 29.68
N ILE A 383 -28.37 -25.70 29.55
CA ILE A 383 -27.40 -26.77 29.73
C ILE A 383 -27.44 -27.30 31.16
N GLU A 384 -27.77 -26.44 32.12
CA GLU A 384 -27.91 -26.90 33.50
C GLU A 384 -29.10 -27.85 33.63
N LYS A 385 -30.22 -27.51 33.02
CA LYS A 385 -31.39 -28.40 32.96
C LYS A 385 -31.36 -29.18 31.64
N ALA A 386 -30.26 -29.89 31.44
CA ALA A 386 -30.05 -30.58 30.16
C ALA A 386 -30.95 -31.80 30.02
N GLU A 387 -31.19 -32.52 31.11
CA GLU A 387 -32.03 -33.71 31.05
C GLU A 387 -33.47 -33.40 30.68
N SER A 388 -33.89 -32.14 30.72
CA SER A 388 -35.28 -31.77 30.56
C SER A 388 -35.66 -31.39 29.13
N TYR A 389 -34.71 -31.42 28.19
CA TYR A 389 -35.00 -31.17 26.78
C TYR A 389 -34.62 -32.38 25.95
N THR A 390 -34.87 -32.28 24.65
CA THR A 390 -34.50 -33.33 23.72
C THR A 390 -33.02 -33.19 23.35
N PRO A 391 -32.29 -34.30 23.25
CA PRO A 391 -30.84 -34.18 22.99
C PRO A 391 -30.51 -33.52 21.66
N GLU A 392 -31.29 -33.83 20.61
CA GLU A 392 -30.98 -33.31 19.27
C GLU A 392 -30.91 -31.79 19.26
N THR A 393 -31.58 -31.13 20.19
CA THR A 393 -31.60 -29.67 20.25
C THR A 393 -30.60 -29.12 21.27
N ILE A 394 -30.45 -29.74 22.44
CA ILE A 394 -29.44 -29.27 23.37
C ILE A 394 -28.06 -29.40 22.74
N GLN A 395 -27.85 -30.37 21.86
CA GLN A 395 -26.51 -30.50 21.28
C GLN A 395 -26.23 -29.35 20.33
N ALA A 396 -27.23 -28.91 19.56
CA ALA A 396 -27.09 -27.69 18.78
C ALA A 396 -26.76 -26.52 19.71
N LEU A 397 -27.50 -26.41 20.82
CA LEU A 397 -27.28 -25.30 21.75
C LEU A 397 -25.87 -25.34 22.33
N GLN A 398 -25.40 -26.54 22.70
CA GLN A 398 -24.07 -26.67 23.31
C GLN A 398 -22.98 -26.33 22.30
N THR A 399 -23.10 -26.86 21.08
CA THR A 399 -22.09 -26.57 20.07
C THR A 399 -22.03 -25.08 19.78
N THR A 400 -23.19 -24.46 19.55
CA THR A 400 -23.23 -23.03 19.26
C THR A 400 -22.71 -22.21 20.44
N LYS A 401 -23.08 -22.59 21.66
CA LYS A 401 -22.67 -21.83 22.84
C LYS A 401 -21.17 -21.93 23.05
N GLU A 402 -20.61 -23.14 22.93
CA GLU A 402 -19.18 -23.30 23.12
C GLU A 402 -18.39 -22.61 22.02
N SER A 403 -18.88 -22.66 20.77
CA SER A 403 -18.20 -21.96 19.69
C SER A 403 -18.23 -20.45 19.92
N VAL A 404 -19.40 -19.92 20.29
CA VAL A 404 -19.54 -18.49 20.52
C VAL A 404 -18.71 -18.05 21.73
N ALA A 405 -18.61 -18.91 22.75
CA ALA A 405 -17.84 -18.56 23.94
C ALA A 405 -16.35 -18.59 23.65
N THR A 406 -15.90 -19.56 22.85
CA THR A 406 -14.51 -19.59 22.43
C THR A 406 -14.17 -18.36 21.60
N GLU A 407 -15.02 -18.02 20.64
CA GLU A 407 -14.77 -16.84 19.81
C GLU A 407 -14.81 -15.57 20.65
N LEU A 408 -15.71 -15.50 21.63
CA LEU A 408 -15.86 -14.29 22.43
C LEU A 408 -14.67 -14.09 23.36
N ALA A 409 -14.01 -15.17 23.76
CA ALA A 409 -12.81 -15.10 24.59
C ALA A 409 -11.55 -14.93 23.77
N GLY A 410 -11.67 -14.71 22.46
CA GLY A 410 -10.52 -14.55 21.60
C GLY A 410 -9.85 -13.21 21.80
N LYS A 411 -8.85 -12.95 20.95
CA LYS A 411 -8.05 -11.74 21.10
C LYS A 411 -8.89 -10.49 20.81
N THR A 412 -9.68 -10.53 19.74
CA THR A 412 -10.50 -9.38 19.37
C THR A 412 -11.75 -9.86 18.67
N TYR A 413 -12.73 -8.96 18.58
CA TYR A 413 -13.98 -9.22 17.89
C TYR A 413 -14.55 -7.90 17.42
N THR A 414 -15.60 -7.98 16.59
CA THR A 414 -16.24 -6.80 16.03
C THR A 414 -17.73 -6.84 16.35
N ALA A 415 -18.38 -5.69 16.18
CA ALA A 415 -19.81 -5.60 16.45
C ALA A 415 -20.60 -6.57 15.58
N ALA A 416 -20.20 -6.72 14.32
CA ALA A 416 -20.91 -7.64 13.42
C ALA A 416 -20.81 -9.07 13.91
N GLN A 417 -19.63 -9.48 14.38
CA GLN A 417 -19.48 -10.83 14.91
C GLN A 417 -20.33 -11.03 16.15
N VAL A 418 -20.42 -10.02 17.01
CA VAL A 418 -21.26 -10.12 18.20
C VAL A 418 -22.73 -10.25 17.80
N THR A 419 -23.15 -9.51 16.77
CA THR A 419 -24.52 -9.65 16.28
C THR A 419 -24.77 -11.06 15.77
N THR A 420 -23.84 -11.59 14.98
CA THR A 420 -23.98 -12.94 14.46
C THR A 420 -24.07 -13.96 15.58
N TRP A 421 -23.25 -13.80 16.62
CA TRP A 421 -23.27 -14.74 17.75
C TRP A 421 -24.57 -14.63 18.53
N GLN A 422 -25.06 -13.40 18.75
CA GLN A 422 -26.37 -13.22 19.36
C GLN A 422 -27.42 -14.01 18.59
N THR A 423 -27.44 -13.82 17.26
CA THR A 423 -28.42 -14.50 16.42
C THR A 423 -28.30 -16.01 16.55
N GLU A 424 -27.06 -16.52 16.49
CA GLU A 424 -26.85 -17.97 16.53
C GLU A 424 -27.33 -18.55 17.86
N VAL A 425 -26.87 -17.98 18.97
CA VAL A 425 -27.26 -18.49 20.29
C VAL A 425 -28.76 -18.39 20.47
N GLN A 426 -29.36 -17.29 20.01
CA GLN A 426 -30.79 -17.09 20.22
C GLN A 426 -31.62 -18.06 19.39
N THR A 427 -31.19 -18.35 18.16
CA THR A 427 -31.85 -19.37 17.37
C THR A 427 -31.75 -20.73 18.05
N ALA A 428 -30.54 -21.11 18.45
CA ALA A 428 -30.36 -22.38 19.17
C ALA A 428 -31.27 -22.45 20.38
N LEU A 429 -31.46 -21.32 21.07
CA LEU A 429 -32.34 -21.29 22.23
C LEU A 429 -33.80 -21.47 21.82
N ASP A 430 -34.23 -20.80 20.75
CA ASP A 430 -35.60 -20.90 20.29
C ASP A 430 -35.92 -22.26 19.66
N ASN A 431 -34.93 -23.11 19.43
CA ASN A 431 -35.17 -24.41 18.83
C ASN A 431 -35.11 -25.57 19.83
N LEU A 432 -35.17 -25.31 21.13
CA LEU A 432 -35.18 -26.38 22.11
C LEU A 432 -36.57 -27.01 22.19
N LYS A 433 -36.63 -28.34 22.12
CA LYS A 433 -37.87 -29.06 22.27
C LYS A 433 -38.16 -29.31 23.75
N GLU A 434 -39.41 -29.68 24.04
CA GLU A 434 -39.87 -29.86 25.41
C GLU A 434 -39.70 -28.56 26.19
N GLU B 10 -19.92 -4.81 -17.31
CA GLU B 10 -19.30 -3.71 -18.03
C GLU B 10 -18.24 -4.23 -19.00
N LYS B 11 -17.69 -3.32 -19.82
CA LYS B 11 -16.69 -3.66 -20.81
C LYS B 11 -15.34 -3.12 -20.39
N HIS B 12 -14.31 -3.95 -20.55
CA HIS B 12 -12.94 -3.56 -20.25
C HIS B 12 -12.23 -3.06 -21.51
N PHE B 13 -11.27 -2.17 -21.32
CA PHE B 13 -10.31 -1.86 -22.37
C PHE B 13 -8.93 -1.76 -21.72
N MET B 14 -7.99 -2.58 -22.21
CA MET B 14 -6.67 -2.68 -21.65
C MET B 14 -5.64 -2.24 -22.67
N VAL B 15 -4.46 -1.87 -22.18
CA VAL B 15 -3.31 -1.59 -23.04
C VAL B 15 -2.08 -2.18 -22.37
N TYR B 16 -1.17 -2.73 -23.19
CA TYR B 16 0.13 -3.16 -22.71
C TYR B 16 1.10 -1.99 -22.84
N TYR B 17 1.48 -1.42 -21.71
CA TYR B 17 2.35 -0.24 -21.68
C TYR B 17 3.80 -0.70 -21.72
N ARG B 18 4.45 -0.52 -22.87
CA ARG B 18 5.86 -0.85 -22.99
C ARG B 18 6.66 0.04 -22.06
N ALA B 19 7.14 -0.52 -20.95
CA ALA B 19 7.75 0.29 -19.91
C ALA B 19 9.00 1.00 -20.40
N TRP B 20 9.79 0.34 -21.25
CA TRP B 20 11.07 0.91 -21.69
C TRP B 20 10.89 2.05 -22.68
N ARG B 21 9.66 2.40 -23.05
CA ARG B 21 9.39 3.57 -23.89
C ARG B 21 8.81 4.72 -23.08
N ASP B 22 8.89 4.64 -21.75
CA ASP B 22 8.50 5.74 -20.88
C ASP B 22 9.65 6.72 -20.73
N LYS B 23 9.31 8.00 -20.57
CA LYS B 23 10.34 9.03 -20.47
C LYS B 23 11.37 8.70 -19.39
N THR B 24 10.94 8.03 -18.32
CA THR B 24 11.84 7.72 -17.21
C THR B 24 12.87 6.65 -17.56
N MET B 25 12.81 6.05 -18.75
CA MET B 25 13.77 5.06 -19.19
C MET B 25 14.52 5.56 -20.42
N GLN B 26 15.77 5.15 -20.54
CA GLN B 26 16.62 5.59 -21.64
C GLN B 26 17.77 4.61 -21.78
N GLY B 27 17.81 3.89 -22.91
CA GLY B 27 18.83 2.90 -23.14
C GLY B 27 18.47 1.50 -22.74
N VAL B 28 17.19 1.24 -22.44
CA VAL B 28 16.72 -0.05 -21.95
C VAL B 28 16.01 -0.77 -23.08
N ASN B 29 16.38 -2.03 -23.32
CA ASN B 29 15.71 -2.89 -24.27
C ASN B 29 15.66 -2.28 -25.67
N THR B 30 16.60 -1.39 -25.97
CA THR B 30 16.67 -0.75 -27.27
C THR B 30 18.08 -0.26 -27.50
N THR B 31 18.48 -0.24 -28.77
CA THR B 31 19.75 0.37 -29.17
C THR B 31 19.55 1.74 -29.81
N LEU B 32 18.32 2.21 -29.92
CA LEU B 32 18.05 3.50 -30.53
C LEU B 32 18.37 4.63 -29.55
N PRO B 33 18.96 5.74 -30.02
CA PRO B 33 19.22 6.87 -29.12
C PRO B 33 18.02 7.77 -28.89
N ASP B 34 16.92 7.54 -29.59
CA ASP B 34 15.76 8.42 -29.49
C ASP B 34 15.31 8.55 -28.03
N GLU B 35 14.78 9.72 -27.70
CA GLU B 35 14.20 9.97 -26.39
C GLU B 35 12.73 9.56 -26.42
N ASN B 36 12.29 8.90 -25.35
CA ASN B 36 10.90 8.51 -25.23
C ASN B 36 10.02 9.75 -25.11
N TRP B 37 8.76 9.61 -25.54
CA TRP B 37 7.89 10.76 -25.73
C TRP B 37 6.70 10.83 -24.79
N LEU B 38 6.30 9.71 -24.17
CA LEU B 38 5.12 9.70 -23.32
C LEU B 38 5.46 9.22 -21.92
N THR B 39 4.51 9.44 -21.02
CA THR B 39 4.53 8.85 -19.68
C THR B 39 3.17 8.21 -19.44
N MET B 40 3.06 7.50 -18.32
CA MET B 40 1.82 6.79 -18.02
C MET B 40 0.65 7.76 -17.82
N HIS B 41 0.93 9.03 -17.51
CA HIS B 41 -0.14 10.02 -17.43
C HIS B 41 -0.82 10.24 -18.77
N ASP B 42 -0.13 9.97 -19.87
CA ASP B 42 -0.68 10.16 -21.20
C ASP B 42 -1.61 9.04 -21.64
N ILE B 43 -1.69 7.94 -20.88
CA ILE B 43 -2.59 6.85 -21.26
C ILE B 43 -4.00 7.40 -21.39
N PRO B 44 -4.69 7.20 -22.53
CA PRO B 44 -6.02 7.79 -22.69
C PRO B 44 -6.99 7.34 -21.62
N TYR B 45 -8.10 8.07 -21.53
CA TYR B 45 -9.21 7.68 -20.67
C TYR B 45 -10.06 6.62 -21.35
N GLY B 46 -10.77 5.86 -20.54
CA GLY B 46 -11.51 4.70 -21.02
C GLY B 46 -10.74 3.40 -20.92
N ILE B 47 -9.49 3.44 -20.46
CA ILE B 47 -8.67 2.25 -20.27
C ILE B 47 -8.68 1.94 -18.78
N ASP B 48 -9.34 0.83 -18.41
CA ASP B 48 -9.50 0.48 -17.00
C ASP B 48 -8.43 -0.48 -16.50
N ILE B 49 -7.62 -1.06 -17.39
CA ILE B 49 -6.54 -1.96 -16.99
C ILE B 49 -5.31 -1.62 -17.82
N VAL B 50 -4.20 -1.33 -17.16
CA VAL B 50 -2.93 -1.04 -17.82
C VAL B 50 -1.93 -2.09 -17.38
N ASN B 51 -1.34 -2.78 -18.36
CA ASN B 51 -0.35 -3.81 -18.10
C ASN B 51 1.04 -3.20 -18.23
N VAL B 52 1.70 -2.98 -17.10
CA VAL B 52 3.10 -2.57 -17.10
C VAL B 52 3.90 -3.69 -17.73
N PHE B 53 4.19 -3.55 -19.03
CA PHE B 53 4.92 -4.57 -19.79
C PHE B 53 6.38 -4.14 -19.83
N SER B 54 7.22 -4.80 -19.04
CA SER B 54 8.61 -4.40 -18.85
C SER B 54 9.52 -5.59 -19.09
N TYR B 55 10.41 -5.47 -20.06
CA TYR B 55 11.52 -6.40 -20.24
C TYR B 55 12.82 -5.62 -20.13
N VAL B 56 13.72 -6.10 -19.28
CA VAL B 56 14.99 -5.44 -19.00
C VAL B 56 16.11 -6.42 -19.32
N PRO B 57 16.76 -6.26 -20.46
CA PRO B 57 17.90 -7.14 -20.79
C PRO B 57 18.91 -7.19 -19.65
N LYS B 58 19.57 -8.34 -19.53
CA LYS B 58 20.53 -8.56 -18.45
C LYS B 58 21.59 -7.46 -18.45
N GLY B 59 21.74 -6.81 -17.30
CA GLY B 59 22.73 -5.76 -17.13
C GLY B 59 22.18 -4.35 -17.25
N GLN B 60 20.87 -4.19 -17.41
CA GLN B 60 20.26 -2.87 -17.55
C GLN B 60 19.32 -2.55 -16.39
N GLU B 61 19.37 -3.31 -15.30
CA GLU B 61 18.42 -3.14 -14.21
C GLU B 61 18.50 -1.74 -13.63
N ALA B 62 19.72 -1.21 -13.47
CA ALA B 62 19.89 0.11 -12.90
C ALA B 62 19.26 1.18 -13.79
N LEU B 63 19.28 0.97 -15.11
CA LEU B 63 18.71 1.95 -16.02
C LEU B 63 17.19 1.94 -15.97
N ALA B 64 16.59 0.82 -15.59
CA ALA B 64 15.14 0.70 -15.52
C ALA B 64 14.59 0.98 -14.12
N GLN B 65 15.44 1.03 -13.10
CA GLN B 65 14.95 1.31 -11.76
C GLN B 65 14.22 2.64 -11.65
N PRO B 66 14.66 3.73 -12.30
CA PRO B 66 13.90 4.99 -12.20
C PRO B 66 12.44 4.86 -12.60
N PHE B 67 12.14 4.10 -13.65
CA PHE B 67 10.74 3.94 -14.04
C PHE B 67 9.95 3.19 -12.99
N TYR B 68 10.55 2.18 -12.37
CA TYR B 68 9.83 1.46 -11.31
C TYR B 68 9.57 2.36 -10.11
N ASP B 69 10.54 3.20 -9.76
CA ASP B 69 10.33 4.16 -8.68
C ASP B 69 9.19 5.12 -9.03
N THR B 70 9.20 5.66 -10.24
CA THR B 70 8.15 6.59 -10.65
C THR B 70 6.79 5.90 -10.72
N LEU B 71 6.78 4.61 -11.08
CA LEU B 71 5.53 3.86 -11.13
C LEU B 71 4.96 3.66 -9.73
N LYS B 72 5.82 3.31 -8.77
CA LYS B 72 5.36 3.12 -7.39
C LYS B 72 4.90 4.44 -6.78
N ASN B 73 5.63 5.53 -7.04
CA ASN B 73 5.42 6.77 -6.33
C ASN B 73 4.55 7.79 -7.07
N GLU B 74 4.32 7.62 -8.36
CA GLU B 74 3.64 8.64 -9.14
C GLU B 74 2.58 8.06 -10.08
N TYR B 75 3.00 7.25 -11.05
CA TYR B 75 2.07 6.74 -12.06
C TYR B 75 0.95 5.94 -11.42
N ALA B 76 1.29 4.99 -10.55
CA ALA B 76 0.26 4.12 -9.98
C ALA B 76 -0.75 4.90 -9.14
N PRO B 77 -0.35 5.81 -8.25
CA PRO B 77 -1.37 6.60 -7.54
C PRO B 77 -2.24 7.44 -8.47
N ALA B 78 -1.66 8.09 -9.48
CA ALA B 78 -2.47 8.89 -10.40
C ALA B 78 -3.49 8.03 -11.13
N LEU B 79 -3.05 6.92 -11.70
CA LEU B 79 -3.97 6.06 -12.45
C LEU B 79 -5.01 5.43 -11.53
N HIS B 80 -4.65 5.10 -10.29
CA HIS B 80 -5.64 4.64 -9.33
C HIS B 80 -6.68 5.73 -9.07
N ALA B 81 -6.21 6.97 -8.91
CA ALA B 81 -7.14 8.09 -8.79
C ALA B 81 -8.06 8.18 -10.00
N ARG B 82 -7.58 7.76 -11.17
CA ARG B 82 -8.42 7.74 -12.37
C ARG B 82 -9.32 6.51 -12.44
N GLY B 83 -9.24 5.59 -11.48
CA GLY B 83 -10.00 4.36 -11.53
C GLY B 83 -9.37 3.25 -12.34
N VAL B 84 -8.08 3.37 -12.66
CA VAL B 84 -7.38 2.39 -13.48
C VAL B 84 -6.68 1.39 -12.56
N ARG B 85 -6.70 0.12 -12.96
CA ARG B 85 -6.04 -0.96 -12.24
C ARG B 85 -4.84 -1.42 -13.06
N LEU B 86 -3.70 -1.60 -12.40
CA LEU B 86 -2.46 -1.95 -13.07
C LEU B 86 -2.10 -3.40 -12.80
N VAL B 87 -1.64 -4.09 -13.85
CA VAL B 87 -1.16 -5.46 -13.74
C VAL B 87 0.25 -5.53 -14.31
N ARG B 88 0.97 -6.59 -13.94
CA ARG B 88 2.32 -6.84 -14.41
C ARG B 88 2.32 -8.07 -15.28
N GLY B 89 3.03 -8.00 -16.40
CA GLY B 89 3.15 -9.13 -17.29
C GLY B 89 4.34 -10.01 -16.95
N ILE B 90 4.08 -11.24 -16.53
CA ILE B 90 5.14 -12.19 -16.22
C ILE B 90 5.04 -13.36 -17.19
N ASP B 91 6.20 -13.90 -17.54
CA ASP B 91 6.25 -15.06 -18.42
C ASP B 91 5.69 -16.28 -17.71
N TYR B 92 4.98 -17.12 -18.46
CA TYR B 92 4.45 -18.36 -17.90
C TYR B 92 5.55 -19.20 -17.28
N SER B 93 6.77 -19.15 -17.83
CA SER B 93 7.88 -19.93 -17.31
C SER B 93 8.26 -19.51 -15.89
N GLU B 94 7.94 -18.28 -15.49
CA GLU B 94 8.23 -17.85 -14.13
C GLU B 94 7.45 -18.68 -13.12
N LEU B 95 6.23 -19.07 -13.47
CA LEU B 95 5.45 -19.93 -12.58
C LEU B 95 6.14 -21.26 -12.34
N LEU B 96 6.91 -21.74 -13.32
CA LEU B 96 7.58 -23.03 -13.21
C LEU B 96 8.79 -22.99 -12.27
N LYS B 97 9.26 -21.81 -11.90
CA LYS B 97 10.39 -21.67 -11.01
C LYS B 97 10.00 -21.83 -9.54
N VAL B 98 8.81 -22.33 -9.26
CA VAL B 98 8.35 -22.53 -7.88
C VAL B 98 9.37 -23.40 -7.15
N PRO B 99 9.95 -22.94 -6.04
CA PRO B 99 10.85 -23.81 -5.29
C PRO B 99 10.08 -24.88 -4.51
N TYR B 100 10.63 -26.09 -4.51
CA TYR B 100 10.04 -27.18 -3.75
C TYR B 100 11.14 -28.13 -3.31
N ALA B 101 10.91 -28.79 -2.17
CA ALA B 101 11.91 -29.67 -1.57
C ALA B 101 11.81 -31.11 -2.08
N GLY B 102 10.60 -31.66 -2.13
CA GLY B 102 10.39 -33.04 -2.53
C GLY B 102 10.35 -33.20 -4.03
N THR B 103 9.64 -34.26 -4.46
CA THR B 103 9.50 -34.52 -5.88
C THR B 103 8.53 -33.53 -6.54
N THR B 104 7.57 -33.03 -5.77
CA THR B 104 6.62 -32.03 -6.26
C THR B 104 6.29 -31.04 -5.13
N PRO B 105 5.94 -29.82 -5.47
CA PRO B 105 5.63 -28.82 -4.43
C PRO B 105 4.47 -29.25 -3.55
N THR B 106 4.46 -28.68 -2.34
CA THR B 106 3.34 -28.81 -1.42
C THR B 106 2.28 -27.75 -1.76
N GLU B 107 1.20 -27.75 -1.00
CA GLU B 107 0.29 -26.61 -1.04
C GLU B 107 0.97 -25.38 -0.43
N ALA B 108 1.75 -25.60 0.63
CA ALA B 108 2.45 -24.50 1.29
C ALA B 108 3.50 -23.88 0.38
N GLU B 109 4.20 -24.71 -0.41
CA GLU B 109 5.22 -24.18 -1.30
C GLU B 109 4.60 -23.42 -2.47
N PHE B 110 3.50 -23.93 -3.01
CA PHE B 110 2.76 -23.19 -4.03
C PHE B 110 2.31 -21.83 -3.49
N ASP B 111 1.74 -21.81 -2.29
CA ASP B 111 1.29 -20.55 -1.71
C ASP B 111 2.45 -19.62 -1.41
N ALA B 112 3.58 -20.18 -0.96
CA ALA B 112 4.75 -19.37 -0.67
C ALA B 112 5.28 -18.71 -1.93
N TYR B 113 5.36 -19.46 -3.03
CA TYR B 113 5.83 -18.86 -4.27
C TYR B 113 4.80 -17.88 -4.84
N ALA B 114 3.51 -18.12 -4.61
CA ALA B 114 2.50 -17.16 -5.01
C ALA B 114 2.70 -15.83 -4.29
N LYS B 115 2.86 -15.88 -2.97
CA LYS B 115 3.12 -14.67 -2.20
C LYS B 115 4.42 -14.02 -2.63
N GLU B 116 5.44 -14.81 -2.94
CA GLU B 116 6.71 -14.26 -3.40
C GLU B 116 6.52 -13.51 -4.72
N LEU B 117 5.78 -14.09 -5.66
CA LEU B 117 5.51 -13.42 -6.92
C LEU B 117 4.74 -12.12 -6.70
N LEU B 118 3.72 -12.17 -5.84
CA LEU B 118 2.92 -10.96 -5.59
C LEU B 118 3.76 -9.87 -4.96
N THR B 119 4.70 -10.24 -4.08
CA THR B 119 5.60 -9.25 -3.49
C THR B 119 6.57 -8.70 -4.53
N LYS B 120 7.15 -9.58 -5.33
CA LYS B 120 8.26 -9.20 -6.20
C LYS B 120 7.78 -8.38 -7.39
N PHE B 121 6.70 -8.81 -8.04
CA PHE B 121 6.26 -8.18 -9.27
C PHE B 121 5.10 -7.20 -9.10
N VAL B 122 4.32 -7.31 -8.02
CA VAL B 122 3.10 -6.54 -7.92
C VAL B 122 3.21 -5.52 -6.80
N ASP B 123 3.32 -6.02 -5.56
CA ASP B 123 3.21 -5.15 -4.39
C ASP B 123 4.39 -4.19 -4.30
N ASP B 124 5.61 -4.67 -4.55
CA ASP B 124 6.77 -3.79 -4.47
C ASP B 124 6.71 -2.63 -5.44
N LEU B 125 5.81 -2.65 -6.41
CA LEU B 125 5.65 -1.58 -7.38
C LEU B 125 4.39 -0.76 -7.17
N GLY B 126 3.55 -1.13 -6.20
CA GLY B 126 2.33 -0.39 -5.98
C GLY B 126 1.24 -0.63 -6.99
N ILE B 127 1.32 -1.74 -7.72
CA ILE B 127 0.32 -2.07 -8.73
C ILE B 127 -0.59 -3.15 -8.17
N ASP B 128 -1.70 -3.41 -8.88
CA ASP B 128 -2.79 -4.21 -8.33
C ASP B 128 -2.65 -5.71 -8.63
N GLY B 129 -2.54 -6.06 -9.90
CA GLY B 129 -2.68 -7.44 -10.32
C GLY B 129 -1.52 -8.01 -11.09
N LEU B 130 -1.75 -9.16 -11.74
CA LEU B 130 -0.71 -9.90 -12.42
C LEU B 130 -1.29 -10.49 -13.70
N ASP B 131 -0.42 -10.75 -14.67
CA ASP B 131 -0.83 -11.26 -15.98
C ASP B 131 0.15 -12.31 -16.45
N ILE B 132 -0.37 -13.47 -16.82
CA ILE B 132 0.45 -14.62 -17.23
C ILE B 132 0.55 -14.63 -18.75
N ASP B 133 1.76 -14.51 -19.26
CA ASP B 133 2.03 -14.53 -20.70
C ASP B 133 2.36 -15.97 -21.11
N MET B 134 1.43 -16.62 -21.80
CA MET B 134 1.57 -18.03 -22.18
C MET B 134 1.55 -18.13 -23.70
N GLU B 135 2.72 -18.34 -24.31
CA GLU B 135 2.85 -18.48 -25.75
C GLU B 135 3.66 -19.72 -26.12
N THR B 136 3.63 -20.75 -25.27
CA THR B 136 4.32 -22.01 -25.52
C THR B 136 3.31 -23.15 -25.39
N ARG B 137 3.82 -24.38 -25.50
CA ARG B 137 3.02 -25.59 -25.31
C ARG B 137 3.59 -26.34 -24.11
N PRO B 138 3.19 -25.97 -22.89
CA PRO B 138 3.80 -26.57 -21.71
C PRO B 138 3.54 -28.06 -21.59
N SER B 139 4.52 -28.77 -21.05
CA SER B 139 4.37 -30.19 -20.78
C SER B 139 3.46 -30.41 -19.58
N GLU B 140 3.20 -31.67 -19.26
CA GLU B 140 2.27 -31.97 -18.17
C GLU B 140 2.86 -31.59 -16.82
N LYS B 141 4.16 -31.82 -16.62
CA LYS B 141 4.78 -31.43 -15.35
C LYS B 141 4.74 -29.91 -15.18
N ASP B 142 5.07 -29.17 -16.23
CA ASP B 142 4.96 -27.72 -16.18
C ASP B 142 3.52 -27.29 -15.92
N ILE B 143 2.55 -28.04 -16.45
CA ILE B 143 1.15 -27.70 -16.20
C ILE B 143 0.79 -27.97 -14.75
N VAL B 144 1.35 -29.01 -14.13
CA VAL B 144 1.12 -29.23 -12.70
C VAL B 144 1.64 -28.04 -11.91
N LEU B 145 2.89 -27.64 -12.19
CA LEU B 145 3.46 -26.49 -11.49
C LEU B 145 2.62 -25.24 -11.70
N SER B 146 2.18 -25.00 -12.93
CA SER B 146 1.44 -23.77 -13.23
C SER B 146 0.05 -23.80 -12.59
N ASN B 147 -0.62 -24.95 -12.60
CA ASN B 147 -1.90 -25.06 -11.93
C ASN B 147 -1.75 -24.78 -10.45
N GLY B 148 -0.73 -25.36 -9.82
CA GLY B 148 -0.50 -25.06 -8.41
C GLY B 148 -0.30 -23.59 -8.16
N VAL B 149 0.62 -22.97 -8.89
CA VAL B 149 0.93 -21.55 -8.65
C VAL B 149 -0.28 -20.68 -8.93
N ILE B 150 -1.04 -20.98 -9.98
CA ILE B 150 -2.19 -20.15 -10.36
C ILE B 150 -3.29 -20.28 -9.32
N ARG B 151 -3.60 -21.50 -8.89
CA ARG B 151 -4.61 -21.67 -7.85
C ARG B 151 -4.16 -21.02 -6.55
N ALA B 152 -2.86 -21.00 -6.28
CA ALA B 152 -2.37 -20.32 -5.08
C ALA B 152 -2.53 -18.81 -5.19
N LEU B 153 -2.25 -18.25 -6.37
CA LEU B 153 -2.42 -16.81 -6.57
C LEU B 153 -3.88 -16.41 -6.55
N SER B 154 -4.78 -17.29 -7.01
CA SER B 154 -6.20 -16.96 -7.04
C SER B 154 -6.74 -16.68 -5.64
N LYS B 155 -6.04 -17.10 -4.59
CA LYS B 155 -6.47 -16.77 -3.24
C LYS B 155 -6.36 -15.28 -2.95
N TYR B 156 -5.43 -14.60 -3.62
CA TYR B 156 -5.14 -13.19 -3.38
C TYR B 156 -5.65 -12.26 -4.46
N ILE B 157 -5.59 -12.68 -5.73
CA ILE B 157 -6.00 -11.85 -6.84
C ILE B 157 -7.01 -12.61 -7.70
N GLY B 158 -7.77 -11.87 -8.50
CA GLY B 158 -8.69 -12.45 -9.43
C GLY B 158 -10.06 -12.68 -8.85
N PRO B 159 -10.93 -13.36 -9.60
CA PRO B 159 -12.30 -13.60 -9.11
C PRO B 159 -12.34 -14.46 -7.85
N LYS B 160 -11.49 -15.48 -7.76
CA LYS B 160 -11.52 -16.37 -6.61
C LYS B 160 -11.17 -15.66 -5.31
N SER B 161 -10.54 -14.48 -5.37
CA SER B 161 -10.07 -13.80 -4.17
C SER B 161 -11.07 -12.82 -3.60
N GLY B 162 -12.18 -12.54 -4.29
CA GLY B 162 -13.14 -11.59 -3.80
C GLY B 162 -12.64 -10.16 -3.74
N THR B 163 -11.46 -9.88 -4.27
CA THR B 163 -10.92 -8.53 -4.33
C THR B 163 -11.09 -7.97 -5.74
N ASP B 164 -10.79 -6.68 -5.87
CA ASP B 164 -10.76 -6.02 -7.18
C ASP B 164 -9.38 -6.11 -7.82
N ARG B 165 -8.51 -6.98 -7.33
CA ARG B 165 -7.19 -7.16 -7.91
C ARG B 165 -7.31 -8.00 -9.18
N PRO B 166 -6.89 -7.50 -10.34
CA PRO B 166 -7.02 -8.30 -11.56
C PRO B 166 -6.04 -9.46 -11.58
N PHE B 167 -6.44 -10.52 -12.28
CA PHE B 167 -5.58 -11.68 -12.53
C PHE B 167 -5.87 -12.14 -13.95
N LEU B 168 -4.92 -11.91 -14.86
CA LEU B 168 -5.17 -12.07 -16.28
C LEU B 168 -4.30 -13.19 -16.87
N TYR B 169 -4.80 -13.77 -17.96
CA TYR B 169 -4.10 -14.81 -18.71
C TYR B 169 -4.13 -14.40 -20.17
N ASP B 170 -2.98 -14.11 -20.75
CA ASP B 170 -2.91 -13.66 -22.14
C ASP B 170 -2.15 -14.69 -22.97
N THR B 171 -2.63 -14.92 -24.18
CA THR B 171 -2.03 -15.90 -25.07
C THR B 171 -2.36 -15.55 -26.51
N ASN B 172 -1.55 -16.06 -27.43
CA ASN B 172 -1.76 -15.87 -28.86
C ASN B 172 -2.32 -17.11 -29.54
N ALA B 173 -2.59 -18.18 -28.79
CA ALA B 173 -3.19 -19.39 -29.34
C ALA B 173 -4.32 -19.86 -28.44
N GLU B 174 -4.83 -21.07 -28.68
CA GLU B 174 -5.92 -21.63 -27.91
C GLU B 174 -5.54 -23.02 -27.39
N TYR B 175 -4.39 -23.11 -26.73
CA TYR B 175 -3.94 -24.38 -26.14
C TYR B 175 -4.59 -24.52 -24.76
N LEU B 176 -5.47 -25.51 -24.63
CA LEU B 176 -6.34 -25.67 -23.47
C LEU B 176 -5.65 -26.23 -22.23
N PRO B 177 -4.78 -27.22 -22.36
CA PRO B 177 -4.30 -27.95 -21.17
C PRO B 177 -3.81 -27.01 -20.06
N PRO B 178 -2.90 -26.08 -20.35
CA PRO B 178 -2.39 -25.23 -19.27
C PRO B 178 -3.40 -24.24 -18.71
N LEU B 179 -4.62 -24.20 -19.26
CA LEU B 179 -5.63 -23.25 -18.84
C LEU B 179 -6.94 -23.91 -18.41
N GLN B 180 -7.26 -25.09 -18.95
CA GLN B 180 -8.56 -25.70 -18.70
C GLN B 180 -8.77 -26.05 -17.23
N ASP B 181 -7.70 -26.22 -16.46
CA ASP B 181 -7.82 -26.61 -15.06
C ASP B 181 -7.95 -25.41 -14.12
N VAL B 182 -7.61 -24.21 -14.58
CA VAL B 182 -7.59 -23.03 -13.71
C VAL B 182 -8.15 -21.82 -14.43
N SER B 183 -8.96 -22.06 -15.47
CA SER B 183 -9.48 -20.95 -16.27
C SER B 183 -10.35 -20.01 -15.43
N ASP B 184 -11.05 -20.55 -14.43
CA ASP B 184 -11.92 -19.73 -13.61
C ASP B 184 -11.15 -18.83 -12.64
N CYS B 185 -9.83 -18.98 -12.55
CA CYS B 185 -9.02 -18.14 -11.67
C CYS B 185 -8.77 -16.75 -12.23
N PHE B 186 -9.06 -16.52 -13.51
CA PHE B 186 -8.73 -15.26 -14.18
C PHE B 186 -9.99 -14.44 -14.43
N ASP B 187 -9.82 -13.12 -14.40
CA ASP B 187 -10.93 -12.23 -14.74
C ASP B 187 -11.33 -12.37 -16.19
N PHE B 188 -10.35 -12.33 -17.10
CA PHE B 188 -10.61 -12.53 -18.51
C PHE B 188 -9.31 -12.98 -19.19
N LEU B 189 -9.46 -13.56 -20.36
CA LEU B 189 -8.33 -14.01 -21.17
C LEU B 189 -8.07 -13.00 -22.28
N ALA B 190 -6.83 -12.53 -22.36
CA ALA B 190 -6.42 -11.57 -23.38
C ALA B 190 -5.82 -12.32 -24.56
N TYR B 191 -6.54 -12.33 -25.68
CA TYR B 191 -6.14 -13.08 -26.86
C TYR B 191 -5.43 -12.14 -27.84
N GLN B 192 -4.15 -12.43 -28.10
CA GLN B 192 -3.36 -11.69 -29.07
C GLN B 192 -3.66 -12.21 -30.46
N GLN B 193 -4.21 -11.34 -31.31
CA GLN B 193 -4.48 -11.68 -32.71
C GLN B 193 -3.93 -10.59 -33.62
N TYR B 194 -2.66 -10.27 -33.43
CA TYR B 194 -2.04 -9.19 -34.19
C TYR B 194 -2.04 -9.51 -35.68
N GLY B 195 -2.50 -8.56 -36.48
CA GLY B 195 -2.56 -8.73 -37.92
C GLY B 195 -3.71 -9.58 -38.42
N SER B 196 -4.72 -9.81 -37.58
CA SER B 196 -5.89 -10.60 -37.97
C SER B 196 -7.16 -9.84 -37.61
N ASP B 197 -8.20 -10.08 -38.38
CA ASP B 197 -9.47 -9.39 -38.21
C ASP B 197 -10.42 -10.26 -37.36
N ASP B 198 -11.72 -9.98 -37.45
CA ASP B 198 -12.69 -10.62 -36.58
C ASP B 198 -12.87 -12.11 -36.87
N LYS B 199 -12.42 -12.59 -38.03
CA LYS B 199 -12.52 -14.01 -38.33
C LYS B 199 -11.71 -14.83 -37.33
N ARG B 200 -10.45 -14.42 -37.09
CA ARG B 200 -9.65 -15.10 -36.08
C ARG B 200 -10.23 -14.91 -34.68
N THR B 201 -10.91 -13.78 -34.44
CA THR B 201 -11.57 -13.59 -33.15
C THR B 201 -12.65 -14.65 -32.95
N GLN B 202 -13.48 -14.88 -33.96
CA GLN B 202 -14.52 -15.90 -33.87
C GLN B 202 -13.91 -17.28 -33.71
N ARG B 203 -12.86 -17.58 -34.48
CA ARG B 203 -12.21 -18.87 -34.38
C ARG B 203 -11.66 -19.11 -32.97
N ALA B 204 -11.00 -18.09 -32.40
CA ALA B 204 -10.43 -18.23 -31.07
C ALA B 204 -11.52 -18.36 -30.02
N LEU B 205 -12.61 -17.59 -30.15
CA LEU B 205 -13.74 -17.73 -29.24
C LEU B 205 -14.24 -19.17 -29.23
N ASN B 206 -14.47 -19.73 -30.42
CA ASN B 206 -15.01 -21.08 -30.49
C ASN B 206 -14.01 -22.11 -29.96
N ASN B 207 -12.71 -21.90 -30.22
CA ASN B 207 -11.72 -22.86 -29.75
C ASN B 207 -11.52 -22.79 -28.24
N LEU B 208 -11.81 -21.64 -27.63
CA LEU B 208 -11.68 -21.46 -26.19
C LEU B 208 -12.99 -21.65 -25.45
N SER B 209 -14.10 -21.86 -26.16
CA SER B 209 -15.39 -21.98 -25.49
C SER B 209 -15.45 -23.11 -24.46
N PRO B 210 -14.71 -24.21 -24.59
CA PRO B 210 -14.79 -25.24 -23.54
C PRO B 210 -14.40 -24.74 -22.16
N VAL B 211 -13.55 -23.71 -22.07
CA VAL B 211 -13.04 -23.23 -20.79
C VAL B 211 -13.19 -21.73 -20.61
N LEU B 212 -13.83 -21.03 -21.55
CA LEU B 212 -13.94 -19.59 -21.46
C LEU B 212 -15.19 -19.13 -22.19
N ASN B 213 -15.99 -18.30 -21.52
CA ASN B 213 -17.15 -17.68 -22.13
C ASN B 213 -16.74 -16.40 -22.84
N GLY B 214 -17.51 -16.04 -23.87
CA GLY B 214 -17.17 -14.86 -24.65
C GLY B 214 -17.10 -13.59 -23.83
N GLU B 215 -17.91 -13.51 -22.77
CA GLU B 215 -17.95 -12.29 -21.97
C GLU B 215 -16.62 -12.01 -21.28
N ARG B 216 -15.76 -13.01 -21.11
CA ARG B 216 -14.44 -12.84 -20.51
C ARG B 216 -13.33 -13.10 -21.51
N PHE B 217 -13.60 -12.84 -22.79
CA PHE B 217 -12.62 -12.97 -23.86
C PHE B 217 -12.34 -11.58 -24.42
N VAL B 218 -11.08 -11.15 -24.33
CA VAL B 218 -10.68 -9.81 -24.75
C VAL B 218 -9.68 -9.94 -25.88
N PRO B 219 -10.10 -9.76 -27.13
CA PRO B 219 -9.13 -9.75 -28.23
C PRO B 219 -8.39 -8.44 -28.29
N GLY B 220 -7.12 -8.52 -28.67
CA GLY B 220 -6.29 -7.34 -28.75
C GLY B 220 -5.43 -7.34 -29.99
N LEU B 221 -5.15 -6.13 -30.47
CA LEU B 221 -4.29 -5.89 -31.62
C LEU B 221 -3.06 -5.12 -31.16
N THR B 222 -2.20 -4.78 -32.12
CA THR B 222 -0.95 -4.10 -31.81
C THR B 222 -0.69 -3.01 -32.84
N PHE B 223 0.22 -2.11 -32.48
CA PHE B 223 0.73 -1.09 -33.37
C PHE B 223 2.13 -1.45 -33.83
N PRO B 224 2.57 -0.93 -34.97
CA PRO B 224 3.91 -1.27 -35.47
C PRO B 224 5.00 -0.86 -34.48
N GLU B 225 5.78 -1.84 -34.04
CA GLU B 225 6.94 -1.58 -33.20
C GLU B 225 8.16 -1.27 -34.04
N GLU B 226 9.08 -0.51 -33.46
CA GLU B 226 10.29 -0.12 -34.16
C GLU B 226 11.28 -1.28 -34.23
N GLN B 227 11.99 -1.37 -35.34
CA GLN B 227 13.00 -2.41 -35.54
C GLN B 227 12.40 -3.81 -35.41
N ASP B 228 11.11 -3.94 -35.69
CA ASP B 228 10.41 -5.20 -35.57
C ASP B 228 10.60 -6.02 -36.85
N ARG B 229 10.91 -7.30 -36.69
CA ARG B 229 10.99 -8.19 -37.85
C ARG B 229 9.63 -8.73 -38.27
N ASN B 230 8.64 -8.68 -37.38
CA ASN B 230 7.28 -9.07 -37.72
C ASN B 230 6.56 -7.92 -38.42
N ARG B 231 5.40 -8.24 -38.99
CA ARG B 231 4.58 -7.25 -39.70
C ARG B 231 3.11 -7.50 -39.37
N TRP B 232 2.55 -6.66 -38.50
CA TRP B 232 1.13 -6.68 -38.17
C TRP B 232 0.52 -5.36 -38.61
N TYR B 233 -0.42 -5.41 -39.54
CA TYR B 233 -1.07 -4.22 -40.07
C TYR B 233 -2.50 -4.17 -39.52
N ASP B 234 -2.62 -3.76 -38.26
CA ASP B 234 -3.91 -3.57 -37.62
C ASP B 234 -4.47 -2.17 -37.83
N THR B 235 -3.72 -1.29 -38.49
CA THR B 235 -4.16 0.06 -38.80
C THR B 235 -4.13 0.27 -40.30
N LYS B 236 -5.18 0.90 -40.81
CA LYS B 236 -5.21 1.28 -42.22
C LYS B 236 -6.40 2.22 -42.44
N GLU B 237 -6.32 2.98 -43.51
CA GLU B 237 -7.45 3.76 -44.01
C GLU B 237 -7.95 3.14 -45.32
N PRO B 238 -9.27 3.07 -45.54
CA PRO B 238 -10.40 3.53 -44.73
C PRO B 238 -10.50 2.84 -43.36
N TYR B 239 -11.06 3.57 -42.38
CA TYR B 239 -11.10 3.08 -41.01
C TYR B 239 -11.83 1.74 -40.92
N MET B 240 -12.96 1.61 -41.61
CA MET B 240 -13.76 0.40 -41.49
C MET B 240 -13.14 -0.81 -42.17
N GLU B 241 -12.03 -0.63 -42.89
CA GLU B 241 -11.31 -1.75 -43.47
C GLU B 241 -10.16 -2.23 -42.59
N SER B 242 -9.85 -1.50 -41.53
CA SER B 242 -8.75 -1.86 -40.64
C SER B 242 -9.18 -2.95 -39.66
N ASN B 243 -8.20 -3.76 -39.25
CA ASN B 243 -8.47 -4.75 -38.21
C ASN B 243 -8.94 -4.10 -36.93
N MET B 244 -8.48 -2.89 -36.64
CA MET B 244 -8.88 -2.20 -35.42
C MET B 244 -10.40 -2.12 -35.35
N TYR B 245 -11.03 -1.53 -36.37
CA TYR B 245 -12.48 -1.38 -36.38
C TYR B 245 -13.18 -2.73 -36.36
N LYS B 246 -12.71 -3.67 -37.18
CA LYS B 246 -13.39 -4.95 -37.29
C LYS B 246 -13.41 -5.66 -35.95
N VAL B 247 -12.25 -5.75 -35.29
CA VAL B 247 -12.18 -6.46 -34.01
C VAL B 247 -12.96 -5.70 -32.94
N ALA B 248 -12.87 -4.37 -32.92
CA ALA B 248 -13.59 -3.61 -31.91
C ALA B 248 -15.10 -3.78 -32.05
N ARG B 249 -15.61 -3.67 -33.27
CA ARG B 249 -17.05 -3.79 -33.48
C ARG B 249 -17.53 -5.22 -33.33
N TYR B 250 -16.67 -6.20 -33.63
CA TYR B 250 -17.03 -7.59 -33.37
C TYR B 250 -17.12 -7.85 -31.87
N SER B 251 -16.20 -7.26 -31.10
CA SER B 251 -16.26 -7.38 -29.66
C SER B 251 -17.52 -6.72 -29.11
N TYR B 252 -17.90 -5.57 -29.65
CA TYR B 252 -19.09 -4.89 -29.16
C TYR B 252 -20.37 -5.64 -29.54
N GLU B 253 -20.50 -6.02 -30.81
CA GLU B 253 -21.73 -6.65 -31.28
C GLU B 253 -21.96 -8.00 -30.60
N ASN B 254 -20.89 -8.75 -30.32
CA ASN B 254 -21.00 -10.06 -29.70
C ASN B 254 -20.76 -10.03 -28.21
N ASN B 255 -20.78 -8.84 -27.59
CA ASN B 255 -20.73 -8.71 -26.14
C ASN B 255 -19.56 -9.48 -25.55
N LEU B 256 -18.37 -9.22 -26.10
CA LEU B 256 -17.15 -9.82 -25.56
C LEU B 256 -16.63 -8.97 -24.40
N GLY B 257 -15.63 -9.51 -23.71
CA GLY B 257 -15.04 -8.81 -22.58
C GLY B 257 -14.56 -7.42 -22.89
N GLY B 258 -14.22 -7.15 -24.15
CA GLY B 258 -13.73 -5.85 -24.54
C GLY B 258 -12.64 -5.92 -25.59
N MET B 259 -11.55 -5.18 -25.38
CA MET B 259 -10.47 -5.13 -26.34
C MET B 259 -9.24 -4.54 -25.65
N PHE B 260 -8.07 -5.04 -26.03
CA PHE B 260 -6.81 -4.48 -25.56
C PHE B 260 -5.94 -4.12 -26.75
N LEU B 261 -4.88 -3.35 -26.49
CA LEU B 261 -3.94 -2.93 -27.51
C LEU B 261 -2.52 -3.05 -26.97
N TYR B 262 -1.62 -3.50 -27.82
CA TYR B 262 -0.21 -3.61 -27.46
C TYR B 262 0.57 -2.48 -28.10
N ALA B 263 1.56 -1.97 -27.38
CA ALA B 263 2.42 -0.88 -27.86
C ALA B 263 1.60 0.39 -28.08
N LEU B 264 1.08 0.90 -26.97
CA LEU B 264 0.31 2.13 -27.00
C LEU B 264 1.13 3.28 -27.59
N ASP B 265 2.43 3.33 -27.27
CA ASP B 265 3.26 4.45 -27.70
C ASP B 265 3.40 4.52 -29.22
N ARG B 266 3.18 3.41 -29.92
CA ARG B 266 3.35 3.36 -31.37
C ARG B 266 2.06 3.64 -32.12
N ASP B 267 1.09 4.28 -31.48
CA ASP B 267 -0.19 4.55 -32.12
C ASP B 267 0.00 5.46 -33.34
N GLY B 268 -0.44 4.98 -34.50
CA GLY B 268 -0.29 5.72 -35.73
C GLY B 268 1.03 5.53 -36.43
N ARG B 269 1.92 4.70 -35.90
CA ARG B 269 3.19 4.44 -36.54
C ARG B 269 3.02 3.40 -37.65
N THR B 270 4.06 3.27 -38.46
CA THR B 270 4.10 2.32 -39.55
C THR B 270 5.43 1.57 -39.51
N TYR B 271 5.60 0.64 -40.45
CA TYR B 271 6.85 -0.06 -40.63
C TYR B 271 7.73 0.59 -41.70
N ASN B 272 7.47 1.85 -42.04
CA ASN B 272 8.21 2.54 -43.07
C ASN B 272 9.63 2.85 -42.59
N GLU B 273 10.49 3.20 -43.54
CA GLU B 273 11.89 3.44 -43.25
C GLU B 273 12.07 4.48 -42.14
N ASP B 274 11.17 5.45 -42.05
CA ASP B 274 11.31 6.49 -41.04
C ASP B 274 10.83 6.00 -39.68
N ASP B 275 9.59 5.51 -39.59
CA ASP B 275 9.05 5.05 -38.31
C ASP B 275 9.80 3.84 -37.78
N LEU B 276 10.37 3.02 -38.67
CA LEU B 276 10.96 1.75 -38.24
C LEU B 276 12.13 1.95 -37.30
N ASN B 277 12.80 3.11 -37.33
CA ASN B 277 14.01 3.33 -36.56
C ASN B 277 13.97 4.65 -35.80
N GLN B 278 12.77 5.09 -35.42
CA GLN B 278 12.59 6.35 -34.72
C GLN B 278 11.52 6.19 -33.64
N ILE B 279 11.63 7.04 -32.62
CA ILE B 279 10.61 7.17 -31.58
C ILE B 279 9.99 8.54 -31.75
N LYS B 280 8.72 8.58 -32.11
CA LYS B 280 8.03 9.82 -32.44
C LYS B 280 6.77 9.95 -31.60
N PRO B 281 6.35 11.17 -31.29
CA PRO B 281 5.10 11.36 -30.54
C PRO B 281 3.91 10.83 -31.33
N SER B 282 2.78 10.68 -30.63
CA SER B 282 1.57 10.18 -31.23
C SER B 282 0.35 10.88 -30.65
N ASN B 283 -0.64 11.14 -31.50
CA ASN B 283 -1.92 11.68 -31.07
C ASN B 283 -2.82 10.62 -30.45
N LEU B 284 -2.43 9.35 -30.49
CA LEU B 284 -3.23 8.27 -29.91
C LEU B 284 -4.61 8.20 -30.55
N LEU B 285 -4.68 8.51 -31.84
CA LEU B 285 -5.95 8.52 -32.56
C LEU B 285 -6.59 7.15 -32.56
N TRP B 286 -5.82 6.12 -32.92
CA TRP B 286 -6.39 4.78 -33.07
C TRP B 286 -6.79 4.19 -31.72
N THR B 287 -6.01 4.47 -30.67
CA THR B 287 -6.35 3.95 -29.35
C THR B 287 -7.67 4.53 -28.87
N LYS B 288 -7.83 5.85 -28.98
CA LYS B 288 -9.07 6.48 -28.56
C LYS B 288 -10.24 6.00 -29.41
N THR B 289 -10.02 5.87 -30.72
CA THR B 289 -11.08 5.38 -31.60
C THR B 289 -11.50 3.96 -31.21
N ALA B 290 -10.55 3.10 -30.87
CA ALA B 290 -10.89 1.74 -30.46
C ALA B 290 -11.61 1.74 -29.12
N ILE B 291 -11.17 2.56 -28.18
CA ILE B 291 -11.87 2.68 -26.90
C ILE B 291 -13.33 3.07 -27.14
N ALA B 292 -13.57 3.99 -28.06
CA ALA B 292 -14.94 4.41 -28.34
C ALA B 292 -15.73 3.31 -29.06
N GLU B 293 -15.09 2.63 -30.01
CA GLU B 293 -15.78 1.62 -30.80
C GLU B 293 -16.18 0.42 -29.95
N SER B 294 -15.22 -0.17 -29.24
CA SER B 294 -15.49 -1.37 -28.46
C SER B 294 -16.55 -1.15 -27.40
N LYS B 295 -16.76 0.09 -26.95
CA LYS B 295 -17.82 0.41 -26.00
C LYS B 295 -19.15 0.70 -26.67
N GLY B 296 -19.18 0.73 -28.01
CA GLY B 296 -20.42 1.06 -28.70
C GLY B 296 -20.81 2.51 -28.62
N VAL B 297 -19.85 3.41 -28.41
CA VAL B 297 -20.16 4.84 -28.37
C VAL B 297 -20.84 5.23 -29.68
N SER B 298 -22.00 5.86 -29.57
CA SER B 298 -22.71 6.32 -30.75
C SER B 298 -21.97 7.49 -31.39
N LEU B 299 -22.20 7.67 -32.69
CA LEU B 299 -21.56 8.79 -33.40
C LEU B 299 -22.02 10.13 -32.84
N ALA B 300 -23.27 10.21 -32.38
CA ALA B 300 -23.76 11.46 -31.81
C ALA B 300 -23.02 11.82 -30.53
N GLU B 301 -22.78 10.84 -29.66
CA GLU B 301 -22.01 11.08 -28.45
C GLU B 301 -20.61 11.58 -28.79
N MET B 302 -19.97 10.94 -29.76
CA MET B 302 -18.64 11.35 -30.20
C MET B 302 -18.65 12.78 -30.68
N LYS B 303 -19.64 13.14 -31.49
CA LYS B 303 -19.72 14.50 -32.03
C LYS B 303 -19.97 15.51 -30.91
N ALA B 304 -20.81 15.16 -29.93
CA ALA B 304 -21.07 16.07 -28.83
C ALA B 304 -19.80 16.34 -28.03
N ALA B 305 -19.05 15.28 -27.72
CA ALA B 305 -17.78 15.44 -27.02
C ALA B 305 -16.83 16.32 -27.82
N ALA B 306 -16.70 16.03 -29.12
CA ALA B 306 -15.80 16.80 -29.97
C ALA B 306 -16.18 18.28 -29.99
N GLN B 307 -17.48 18.57 -30.10
CA GLN B 307 -17.92 19.96 -30.15
C GLN B 307 -17.70 20.66 -28.83
N HIS B 308 -17.92 19.97 -27.70
CA HIS B 308 -17.61 20.54 -26.40
C HIS B 308 -16.14 20.92 -26.33
N TYR B 309 -15.25 20.01 -26.74
CA TYR B 309 -13.82 20.31 -26.73
C TYR B 309 -13.51 21.51 -27.61
N LEU B 310 -14.04 21.53 -28.84
CA LEU B 310 -13.77 22.63 -29.75
C LEU B 310 -14.25 23.96 -29.16
N LYS B 311 -15.38 23.94 -28.45
CA LYS B 311 -15.90 25.18 -27.87
C LYS B 311 -15.03 25.66 -26.73
N ARG B 312 -14.58 24.75 -25.86
CA ARG B 312 -13.86 25.19 -24.67
C ARG B 312 -12.44 25.65 -24.96
N ILE B 313 -11.86 25.25 -26.09
CA ILE B 313 -10.54 25.74 -26.47
C ILE B 313 -10.62 26.99 -27.34
N SER B 314 -11.81 27.40 -27.77
CA SER B 314 -11.94 28.52 -28.70
C SER B 314 -11.45 29.83 -28.10
N TYR B 315 -11.40 29.93 -26.77
CA TYR B 315 -10.97 31.17 -26.12
C TYR B 315 -9.45 31.31 -26.06
N ALA B 316 -8.71 30.19 -26.13
CA ALA B 316 -7.26 30.23 -26.11
C ALA B 316 -6.64 30.00 -27.49
N ASN B 317 -7.18 29.06 -28.26
CA ASN B 317 -6.69 28.82 -29.60
C ASN B 317 -7.04 30.00 -30.52
N THR B 318 -6.11 30.35 -31.39
CA THR B 318 -6.27 31.50 -32.27
C THR B 318 -6.41 31.13 -33.74
N ASP B 319 -6.41 29.84 -34.08
CA ASP B 319 -6.51 29.39 -35.47
C ASP B 319 -7.98 29.15 -35.80
N LEU B 320 -8.70 30.25 -36.06
CA LEU B 320 -10.14 30.16 -36.31
C LEU B 320 -10.42 29.29 -37.53
N GLU B 321 -9.58 29.36 -38.56
CA GLU B 321 -9.79 28.56 -39.75
C GLU B 321 -9.76 27.07 -39.42
N ALA B 322 -8.72 26.63 -38.70
CA ALA B 322 -8.63 25.22 -38.32
C ALA B 322 -9.78 24.81 -37.42
N GLN B 323 -10.20 25.70 -36.51
CA GLN B 323 -11.31 25.38 -35.62
C GLN B 323 -12.60 25.17 -36.39
N ASN B 324 -12.91 26.08 -37.32
CA ASN B 324 -14.13 25.93 -38.11
C ASN B 324 -14.06 24.70 -39.00
N LYS B 325 -12.88 24.41 -39.56
CA LYS B 325 -12.72 23.19 -40.35
C LYS B 325 -13.00 21.96 -39.49
N ALA B 326 -12.47 21.94 -38.27
CA ALA B 326 -12.69 20.81 -37.37
C ALA B 326 -14.17 20.67 -37.04
N ALA B 327 -14.84 21.77 -36.76
CA ALA B 327 -16.27 21.71 -36.46
C ALA B 327 -17.05 21.15 -37.65
N GLU B 328 -16.77 21.65 -38.85
CA GLU B 328 -17.45 21.17 -40.04
C GLU B 328 -17.23 19.67 -40.22
N THR B 329 -15.96 19.23 -40.10
CA THR B 329 -15.67 17.81 -40.30
C THR B 329 -16.30 16.94 -39.22
N VAL B 330 -16.40 17.44 -37.99
CA VAL B 330 -17.11 16.69 -36.94
C VAL B 330 -18.57 16.53 -37.31
N THR B 331 -19.21 17.63 -37.73
CA THR B 331 -20.62 17.54 -38.11
C THR B 331 -20.82 16.59 -39.29
N GLN B 332 -19.87 16.58 -40.22
CA GLN B 332 -19.95 15.74 -41.41
C GLN B 332 -19.44 14.33 -41.19
N ALA B 333 -18.91 14.02 -40.01
CA ALA B 333 -18.26 12.74 -39.79
C ALA B 333 -19.25 11.59 -39.91
N THR B 334 -18.73 10.44 -40.34
CA THR B 334 -19.51 9.21 -40.49
C THR B 334 -19.12 8.13 -39.49
N THR B 335 -17.85 8.09 -39.09
CA THR B 335 -17.35 7.09 -38.16
C THR B 335 -16.75 7.78 -36.94
N LEU B 336 -16.59 7.02 -35.86
CA LEU B 336 -15.92 7.55 -34.67
C LEU B 336 -14.48 7.96 -35.01
N TYR B 337 -13.83 7.19 -35.87
CA TYR B 337 -12.49 7.54 -36.33
C TYR B 337 -12.47 8.93 -36.94
N ASP B 338 -13.48 9.26 -37.75
CA ASP B 338 -13.53 10.58 -38.37
C ASP B 338 -13.72 11.67 -37.33
N VAL B 339 -14.56 11.43 -36.33
CA VAL B 339 -14.77 12.43 -35.29
C VAL B 339 -13.47 12.70 -34.55
N ASN B 340 -12.75 11.65 -34.18
CA ASN B 340 -11.48 11.84 -33.49
C ASN B 340 -10.44 12.51 -34.38
N LYS B 341 -10.40 12.13 -35.66
CA LYS B 341 -9.41 12.69 -36.58
C LYS B 341 -9.69 14.15 -36.87
N ALA B 342 -10.96 14.56 -36.81
CA ALA B 342 -11.29 15.96 -37.07
C ALA B 342 -10.62 16.91 -36.10
N ILE B 343 -10.17 16.42 -34.95
CA ILE B 343 -9.52 17.24 -33.95
C ILE B 343 -8.06 16.84 -33.76
N LEU B 344 -7.75 15.54 -33.80
CA LEU B 344 -6.40 15.07 -33.59
C LEU B 344 -5.56 15.03 -34.87
N GLY B 345 -6.21 15.00 -36.03
CA GLY B 345 -5.51 14.84 -37.28
C GLY B 345 -5.07 13.41 -37.51
N GLY B 346 -4.53 13.17 -38.71
CA GLY B 346 -4.07 11.84 -39.04
C GLY B 346 -2.85 11.40 -38.27
N ASP B 347 -2.04 12.36 -37.83
CA ASP B 347 -0.82 12.05 -37.10
C ASP B 347 -0.53 13.18 -36.11
N TYR B 348 0.43 12.94 -35.23
CA TYR B 348 0.79 13.93 -34.23
C TYR B 348 1.21 15.24 -34.88
N GLY B 349 0.69 16.34 -34.36
CA GLY B 349 1.02 17.66 -34.87
C GLY B 349 0.24 18.10 -36.08
N GLN B 350 -0.28 17.16 -36.88
CA GLN B 350 -1.03 17.51 -38.08
C GLN B 350 -2.42 18.05 -37.76
N GLY B 351 -2.91 17.88 -36.53
CA GLY B 351 -4.26 18.25 -36.18
C GLY B 351 -4.34 19.52 -35.34
N LEU B 352 -5.58 19.85 -34.99
CA LEU B 352 -5.83 21.02 -34.15
C LEU B 352 -5.38 20.76 -32.71
N SER B 353 -5.35 19.51 -32.30
CA SER B 353 -4.87 19.14 -30.97
C SER B 353 -4.14 17.81 -31.07
N ASN B 354 -3.29 17.54 -30.07
CA ASN B 354 -2.58 16.28 -29.96
C ASN B 354 -3.04 15.44 -28.78
N THR B 355 -3.97 15.96 -27.97
CA THR B 355 -4.31 15.35 -26.70
C THR B 355 -5.80 15.17 -26.48
N TYR B 356 -6.65 15.62 -27.40
CA TYR B 356 -8.10 15.49 -27.20
C TYR B 356 -8.46 14.04 -26.91
N ASP B 357 -9.14 13.83 -25.78
CA ASP B 357 -9.53 12.51 -25.33
C ASP B 357 -11.05 12.48 -25.20
N ALA B 358 -11.70 11.60 -25.95
CA ALA B 358 -13.16 11.57 -25.99
C ALA B 358 -13.75 11.20 -24.63
N GLU B 359 -13.18 10.19 -23.97
CA GLU B 359 -13.72 9.75 -22.67
C GLU B 359 -13.54 10.83 -21.61
N LEU B 360 -12.35 11.44 -21.58
CA LEU B 360 -12.13 12.55 -20.65
C LEU B 360 -13.11 13.69 -20.92
N GLU B 361 -13.39 13.96 -22.19
CA GLU B 361 -14.36 14.99 -22.53
C GLU B 361 -15.75 14.63 -22.02
N LYS B 362 -16.15 13.37 -22.21
CA LYS B 362 -17.41 12.92 -21.64
CA LYS B 362 -17.40 12.91 -21.64
C LYS B 362 -17.45 13.18 -20.13
N GLY B 363 -16.33 12.90 -19.45
CA GLY B 363 -16.28 13.17 -18.02
C GLY B 363 -16.41 14.65 -17.70
N LEU B 364 -15.86 15.51 -18.55
CA LEU B 364 -15.94 16.96 -18.34
C LEU B 364 -17.34 17.51 -18.63
N LEU B 365 -18.11 16.83 -19.49
CA LEU B 365 -19.41 17.35 -19.88
C LEU B 365 -20.27 17.72 -18.69
N ALA B 366 -20.14 17.01 -17.57
CA ALA B 366 -20.99 17.25 -16.41
C ALA B 366 -20.75 18.61 -15.77
N ILE B 367 -19.67 19.31 -16.12
CA ILE B 367 -19.36 20.61 -15.54
C ILE B 367 -20.02 21.69 -16.38
N ASP B 368 -20.73 22.60 -15.71
CA ASP B 368 -21.44 23.67 -16.40
C ASP B 368 -20.51 24.84 -16.68
N LEU B 369 -20.51 25.29 -17.93
CA LEU B 369 -19.65 26.39 -18.37
C LEU B 369 -20.43 27.60 -18.86
N THR B 370 -21.75 27.63 -18.64
CA THR B 370 -22.54 28.76 -19.12
C THR B 370 -22.14 30.05 -18.45
N THR B 371 -22.07 30.06 -17.12
CA THR B 371 -21.62 31.25 -16.41
C THR B 371 -20.20 31.63 -16.83
N LEU B 372 -19.32 30.63 -16.96
CA LEU B 372 -17.93 30.88 -17.32
C LEU B 372 -17.83 31.48 -18.71
N TYR B 373 -18.54 30.91 -19.68
CA TYR B 373 -18.52 31.47 -21.03
C TYR B 373 -19.16 32.86 -21.06
N ARG B 374 -20.17 33.08 -20.22
CA ARG B 374 -20.73 34.42 -20.08
C ARG B 374 -19.64 35.43 -19.73
N ALA B 375 -18.94 35.16 -18.64
CA ALA B 375 -17.87 36.07 -18.21
C ALA B 375 -16.78 36.18 -19.28
N LEU B 376 -16.45 35.07 -19.94
CA LEU B 376 -15.37 35.09 -20.93
C LEU B 376 -15.73 35.96 -22.13
N ASP B 377 -16.98 35.86 -22.60
CA ASP B 377 -17.39 36.68 -23.75
C ASP B 377 -17.52 38.14 -23.36
N GLN B 378 -18.03 38.42 -22.15
CA GLN B 378 -18.02 39.80 -21.67
C GLN B 378 -16.58 40.34 -21.65
N ALA B 379 -15.63 39.50 -21.22
CA ALA B 379 -14.23 39.90 -21.25
C ALA B 379 -13.78 40.23 -22.67
N VAL B 380 -13.94 39.29 -23.60
CA VAL B 380 -13.52 39.53 -24.98
C VAL B 380 -14.12 40.82 -25.51
N ALA B 381 -15.38 41.10 -25.13
CA ALA B 381 -16.00 42.36 -25.54
C ALA B 381 -15.24 43.55 -24.97
N ALA B 382 -14.88 43.49 -23.68
CA ALA B 382 -14.11 44.57 -23.09
C ALA B 382 -12.74 44.72 -23.74
N ILE B 383 -12.14 43.61 -24.17
CA ILE B 383 -10.81 43.67 -24.79
C ILE B 383 -10.90 44.28 -26.18
N GLU B 384 -11.97 43.98 -26.92
CA GLU B 384 -12.20 44.66 -28.19
C GLU B 384 -12.43 46.15 -27.97
N LYS B 385 -13.15 46.50 -26.92
CA LYS B 385 -13.36 47.90 -26.53
C LYS B 385 -12.34 48.29 -25.45
N ALA B 386 -11.06 48.16 -25.81
CA ALA B 386 -9.98 48.37 -24.86
C ALA B 386 -9.73 49.85 -24.60
N GLU B 387 -9.65 50.64 -25.67
CA GLU B 387 -9.27 52.05 -25.54
C GLU B 387 -10.19 52.79 -24.59
N SER B 388 -11.46 52.41 -24.53
CA SER B 388 -12.43 53.05 -23.63
C SER B 388 -12.40 52.46 -22.23
N TYR B 389 -11.21 52.09 -21.74
CA TYR B 389 -11.06 51.53 -20.40
C TYR B 389 -9.67 51.88 -19.89
N THR B 390 -9.55 52.00 -18.57
CA THR B 390 -8.28 52.33 -17.97
C THR B 390 -7.28 51.20 -18.23
N PRO B 391 -6.08 51.49 -18.74
CA PRO B 391 -5.17 50.40 -19.09
C PRO B 391 -4.81 49.49 -17.92
N GLU B 392 -4.76 50.02 -16.70
CA GLU B 392 -4.35 49.23 -15.55
C GLU B 392 -5.40 48.18 -15.17
N THR B 393 -6.67 48.40 -15.52
CA THR B 393 -7.71 47.42 -15.22
C THR B 393 -7.92 46.44 -16.36
N ILE B 394 -7.86 46.92 -17.61
CA ILE B 394 -7.94 45.99 -18.73
C ILE B 394 -6.72 45.09 -18.78
N GLN B 395 -5.57 45.55 -18.27
CA GLN B 395 -4.42 44.66 -18.19
C GLN B 395 -4.70 43.50 -17.25
N ALA B 396 -5.25 43.80 -16.07
CA ALA B 396 -5.64 42.75 -15.14
C ALA B 396 -6.63 41.79 -15.78
N LEU B 397 -7.66 42.33 -16.44
CA LEU B 397 -8.67 41.48 -17.07
C LEU B 397 -8.07 40.66 -18.20
N GLN B 398 -7.17 41.24 -18.98
CA GLN B 398 -6.56 40.51 -20.09
C GLN B 398 -5.72 39.35 -19.58
N THR B 399 -4.92 39.59 -18.54
CA THR B 399 -4.12 38.50 -17.98
C THR B 399 -5.02 37.42 -17.39
N THR B 400 -6.03 37.82 -16.61
CA THR B 400 -6.96 36.84 -16.05
C THR B 400 -7.62 36.02 -17.15
N LYS B 401 -8.06 36.68 -18.23
CA LYS B 401 -8.77 36.00 -19.30
C LYS B 401 -7.86 35.07 -20.08
N GLU B 402 -6.63 35.49 -20.37
CA GLU B 402 -5.68 34.61 -21.04
C GLU B 402 -5.37 33.40 -20.18
N SER B 403 -5.19 33.59 -18.87
CA SER B 403 -4.91 32.46 -17.99
C SER B 403 -6.08 31.50 -17.94
N VAL B 404 -7.30 32.03 -17.80
CA VAL B 404 -8.48 31.18 -17.72
C VAL B 404 -8.71 30.46 -19.04
N ALA B 405 -8.41 31.10 -20.16
CA ALA B 405 -8.57 30.46 -21.45
C ALA B 405 -7.53 29.36 -21.65
N THR B 406 -6.30 29.59 -21.20
CA THR B 406 -5.27 28.57 -21.31
C THR B 406 -5.62 27.35 -20.46
N GLU B 407 -6.01 27.57 -19.21
CA GLU B 407 -6.34 26.45 -18.33
C GLU B 407 -7.65 25.79 -18.73
N LEU B 408 -8.56 26.53 -19.37
CA LEU B 408 -9.80 25.93 -19.84
C LEU B 408 -9.53 25.01 -21.03
N ALA B 409 -8.60 25.38 -21.90
CA ALA B 409 -8.18 24.53 -23.00
C ALA B 409 -7.20 23.45 -22.58
N GLY B 410 -6.92 23.33 -21.29
CA GLY B 410 -5.97 22.35 -20.81
C GLY B 410 -6.50 20.93 -20.95
N LYS B 411 -5.76 20.01 -20.34
CA LYS B 411 -6.12 18.60 -20.42
C LYS B 411 -7.45 18.33 -19.71
N THR B 412 -7.57 18.77 -18.46
CA THR B 412 -8.77 18.56 -17.68
C THR B 412 -8.89 19.68 -16.66
N TYR B 413 -9.98 19.66 -15.89
CA TYR B 413 -10.24 20.68 -14.89
C TYR B 413 -11.38 20.23 -13.99
N THR B 414 -11.44 20.84 -12.81
CA THR B 414 -12.46 20.54 -11.81
C THR B 414 -13.57 21.59 -11.87
N ALA B 415 -14.74 21.21 -11.33
CA ALA B 415 -15.84 22.17 -11.23
C ALA B 415 -15.47 23.31 -10.29
N ALA B 416 -14.77 23.02 -9.20
CA ALA B 416 -14.29 24.08 -8.31
C ALA B 416 -13.32 25.01 -9.03
N GLN B 417 -12.49 24.45 -9.92
CA GLN B 417 -11.62 25.28 -10.74
C GLN B 417 -12.44 26.20 -11.64
N VAL B 418 -13.54 25.68 -12.19
CA VAL B 418 -14.41 26.51 -13.02
C VAL B 418 -15.05 27.63 -12.18
N THR B 419 -15.43 27.32 -10.95
CA THR B 419 -15.99 28.34 -10.06
C THR B 419 -14.96 29.44 -9.80
N THR B 420 -13.73 29.02 -9.48
CA THR B 420 -12.66 29.99 -9.25
C THR B 420 -12.44 30.86 -10.48
N TRP B 421 -12.41 30.26 -11.67
CA TRP B 421 -12.20 31.04 -12.89
C TRP B 421 -13.35 31.99 -13.16
N GLN B 422 -14.59 31.52 -12.97
CA GLN B 422 -15.76 32.39 -13.11
C GLN B 422 -15.63 33.61 -12.22
N THR B 423 -15.40 33.39 -10.92
CA THR B 423 -15.31 34.50 -9.98
C THR B 423 -14.13 35.41 -10.32
N GLU B 424 -13.01 34.84 -10.76
CA GLU B 424 -11.86 35.65 -11.14
C GLU B 424 -12.23 36.60 -12.27
N VAL B 425 -12.77 36.07 -13.36
CA VAL B 425 -13.10 36.92 -14.50
C VAL B 425 -14.21 37.90 -14.14
N GLN B 426 -15.11 37.52 -13.23
CA GLN B 426 -16.17 38.43 -12.81
C GLN B 426 -15.60 39.62 -12.06
N THR B 427 -14.79 39.36 -11.02
CA THR B 427 -14.20 40.45 -10.26
C THR B 427 -13.24 41.27 -11.11
N ALA B 428 -12.65 40.67 -12.15
CA ALA B 428 -11.85 41.45 -13.08
C ALA B 428 -12.73 42.33 -13.96
N LEU B 429 -13.95 41.88 -14.25
CA LEU B 429 -14.88 42.69 -15.03
C LEU B 429 -15.44 43.84 -14.19
N ASP B 430 -15.71 43.60 -12.91
CA ASP B 430 -16.22 44.62 -12.01
C ASP B 430 -15.23 45.75 -11.77
N ASN B 431 -14.01 45.66 -12.32
CA ASN B 431 -13.02 46.72 -12.19
C ASN B 431 -12.68 47.30 -13.57
C1 NAG C . 21.84 -0.80 24.15
C2 NAG C . 21.91 -1.09 22.65
C3 NAG C . 21.48 -2.53 22.36
C4 NAG C . 22.34 -3.46 23.21
C5 NAG C . 22.24 -3.10 24.69
C6 NAG C . 23.14 -3.93 25.58
C7 NAG C . 19.79 0.02 22.11
C8 NAG C . 19.10 0.99 21.18
N2 NAG C . 21.10 -0.15 21.89
O1 NAG C . 22.28 0.50 24.38
O3 NAG C . 21.70 -2.81 20.99
O4 NAG C . 21.84 -4.79 23.02
O5 NAG C . 22.66 -1.73 24.86
O6 NAG C . 22.76 -5.30 25.55
O7 NAG C . 19.18 -0.56 22.99
C1 BMA C . 22.58 -5.66 22.20
C2 BMA C . 22.04 -7.07 22.38
C3 BMA C . 22.73 -8.04 21.44
C4 BMA C . 22.65 -7.52 20.00
C5 BMA C . 23.20 -6.11 19.94
C6 BMA C . 23.07 -5.51 18.55
O2 BMA C . 20.63 -7.07 22.15
O3 BMA C . 22.06 -9.29 21.49
O4 BMA C . 23.40 -8.37 19.14
O5 BMA C . 22.47 -5.27 20.84
O6 BMA C . 23.81 -4.29 18.51
C1 MAN C . 24.49 -4.07 17.31
C2 MAN C . 25.42 -2.87 17.51
C3 MAN C . 24.61 -1.62 17.76
C4 MAN C . 23.58 -1.41 16.66
C5 MAN C . 22.73 -2.66 16.55
C6 MAN C . 21.71 -2.57 15.44
O2 MAN C . 26.25 -2.72 16.36
O3 MAN C . 25.50 -0.48 17.78
O4 MAN C . 22.76 -0.29 16.95
O5 MAN C . 23.57 -3.80 16.27
O6 MAN C . 22.38 -2.21 14.23
C1 MAN C . 25.48 0.33 18.92
C2 MAN C . 25.79 1.77 18.51
C3 MAN C . 27.23 1.89 18.05
C4 MAN C . 28.19 1.29 19.06
C5 MAN C . 27.77 -0.13 19.39
C6 MAN C . 28.62 -0.78 20.46
O2 MAN C . 25.55 2.65 19.60
O3 MAN C . 27.55 3.25 17.81
O4 MAN C . 29.51 1.28 18.53
O5 MAN C . 26.42 -0.13 19.88
O6 MAN C . 28.25 -2.13 20.67
C1 MAN C . 22.70 -3.29 13.39
C2 MAN C . 24.16 -3.15 12.98
C3 MAN C . 24.35 -1.85 12.22
C4 MAN C . 23.38 -1.76 11.06
C5 MAN C . 21.95 -1.99 11.55
C6 MAN C . 20.94 -2.05 10.42
O2 MAN C . 24.55 -4.25 12.17
O3 MAN C . 25.69 -1.74 11.76
O4 MAN C . 23.47 -0.47 10.45
O5 MAN C . 21.88 -3.25 12.23
O6 MAN C . 21.16 -3.18 9.58
C1 MAN C . 22.86 -10.43 21.67
C2 MAN C . 22.06 -11.67 21.27
C3 MAN C . 20.90 -11.88 22.22
C4 MAN C . 21.37 -11.85 23.67
C5 MAN C . 22.18 -10.59 23.95
C6 MAN C . 22.76 -10.55 25.34
O2 MAN C . 22.90 -12.81 21.26
O3 MAN C . 20.26 -13.12 21.95
O4 MAN C . 20.25 -11.88 24.55
O5 MAN C . 23.27 -10.52 23.02
O6 MAN C . 23.38 -9.30 25.59
C1 NAG D . 3.37 -10.56 -28.26
C2 NAG D . 4.26 -10.72 -27.03
C3 NAG D . 5.12 -9.47 -26.82
C4 NAG D . 5.88 -9.18 -28.12
C5 NAG D . 4.92 -9.07 -29.28
C6 NAG D . 5.60 -8.83 -30.62
C7 NAG D . 2.51 -10.14 -25.40
C8 NAG D . 1.83 -10.53 -24.12
N2 NAG D . 3.46 -10.97 -25.85
O1 NAG D . 2.66 -11.73 -28.46
O3 NAG D . 6.04 -9.72 -25.77
O4 NAG D . 6.57 -7.95 -27.95
O5 NAG D . 4.18 -10.29 -29.41
O6 NAG D . 6.47 -9.90 -30.96
O7 NAG D . 2.21 -9.11 -26.00
C1 BMA D . 7.94 -7.99 -27.62
C2 BMA D . 8.54 -6.64 -27.99
C3 BMA D . 10.00 -6.59 -27.56
C4 BMA D . 10.15 -6.95 -26.09
C5 BMA D . 9.47 -8.29 -25.82
C6 BMA D . 9.48 -8.64 -24.35
O2 BMA D . 7.81 -5.60 -27.37
O3 BMA D . 10.47 -5.25 -27.72
O4 BMA D . 11.53 -7.05 -25.76
O5 BMA D . 8.10 -8.23 -26.23
O6 BMA D . 9.17 -10.03 -24.20
C1 MAN D . 9.85 -10.65 -23.15
C2 MAN D . 9.58 -12.15 -23.23
C3 MAN D . 8.10 -12.41 -23.01
C4 MAN D . 7.63 -11.77 -21.71
C5 MAN D . 7.98 -10.30 -21.73
C6 MAN D . 7.60 -9.60 -20.43
O2 MAN D . 10.35 -12.83 -22.25
O3 MAN D . 7.87 -13.82 -22.98
O4 MAN D . 6.22 -11.94 -21.55
O5 MAN D . 9.40 -10.13 -21.91
O6 MAN D . 8.15 -10.32 -19.33
C1 MAN D . 6.95 -14.33 -23.92
C2 MAN D . 6.43 -15.67 -23.42
C3 MAN D . 7.52 -16.74 -23.46
C4 MAN D . 8.20 -16.76 -24.82
C5 MAN D . 8.70 -15.36 -25.18
C6 MAN D . 9.32 -15.29 -26.55
O2 MAN D . 5.31 -16.08 -24.21
O3 MAN D . 6.97 -18.01 -23.17
O4 MAN D . 9.31 -17.66 -24.80
O5 MAN D . 7.58 -14.46 -25.18
O6 MAN D . 10.14 -14.14 -26.68
C1 MAN D . 9.42 -9.87 -18.91
C2 MAN D . 10.37 -11.07 -18.96
C3 MAN D . 9.89 -12.15 -18.00
C4 MAN D . 9.68 -11.58 -16.61
C5 MAN D . 8.78 -10.34 -16.67
C6 MAN D . 8.65 -9.64 -15.33
O2 MAN D . 11.69 -10.65 -18.60
O3 MAN D . 10.83 -13.22 -17.95
O4 MAN D . 9.08 -12.56 -15.77
O5 MAN D . 9.32 -9.39 -17.58
O6 MAN D . 9.91 -9.21 -14.85
C1 MAN D . 11.81 -5.09 -28.11
C2 MAN D . 12.20 -3.64 -27.91
C3 MAN D . 11.33 -2.76 -28.81
C4 MAN D . 11.40 -3.22 -30.25
C5 MAN D . 11.09 -4.70 -30.34
C6 MAN D . 11.28 -5.28 -31.73
O2 MAN D . 13.58 -3.46 -28.22
O3 MAN D . 11.75 -1.39 -28.71
O4 MAN D . 10.47 -2.48 -31.04
O5 MAN D . 11.95 -5.45 -29.47
O6 MAN D . 10.36 -4.72 -32.65
#